data_6NQA
#
_entry.id   6NQA
#
_cell.length_a   1
_cell.length_b   1
_cell.length_c   1
_cell.angle_alpha   90
_cell.angle_beta   90
_cell.angle_gamma   90
#
_symmetry.space_group_name_H-M   'P 1'
#
loop_
_entity.id
_entity.type
_entity.pdbx_description
1 polymer '601 DNA Strand 1'
2 polymer '601 DNA Strand 2'
3 polymer 'Histone H4'
4 polymer 'Histone H2A type 1'
5 polymer 'Histone H2B 1.1'
6 polymer 'Histone-lysine N-methyltransferase, H3 lysine-79 specific'
7 polymer Ubiquitin
8 polymer 'Histone H3.2'
9 non-polymer S-ADENOSYLMETHIONINE
#
loop_
_entity_poly.entity_id
_entity_poly.type
_entity_poly.pdbx_seq_one_letter_code
_entity_poly.pdbx_strand_id
1 'polydeoxyribonucleotide'
;(DT)(DC)(DG)(DA)(DG)(DA)(DA)(DT)(DC)(DC)(DC)(DG)(DG)(DT)(DG)(DC)(DC)(DG)(DA)(DG)
(DG)(DC)(DC)(DG)(DC)(DT)(DC)(DA)(DA)(DT)(DT)(DG)(DG)(DT)(DC)(DG)(DT)(DA)(DG)(DA)
(DC)(DA)(DG)(DC)(DT)(DC)(DT)(DA)(DG)(DC)(DA)(DC)(DC)(DG)(DC)(DT)(DT)(DA)(DA)(DA)
(DC)(DG)(DC)(DA)(DC)(DG)(DT)(DA)(DC)(DG)(DC)(DG)(DC)(DT)(DG)(DT)(DC)(DC)(DC)(DC)
(DC)(DG)(DC)(DG)(DT)(DT)(DT)(DT)(DA)(DA)(DC)(DC)(DG)(DC)(DC)(DA)(DA)(DG)(DG)(DG)
(DG)(DA)(DT)(DT)(DA)(DC)(DT)(DC)(DC)(DC)(DT)(DA)(DG)(DT)(DC)(DT)(DC)(DC)(DA)(DG)
(DG)(DC)(DA)(DC)(DG)(DT)(DG)(DT)(DC)(DA)(DG)(DA)(DT)(DA)(DT)(DA)(DT)(DA)(DC)(DA)
(DT)(DC)(DC)(DG)(DA)(DT)
;
I
2 'polydeoxyribonucleotide'
;(DA)(DT)(DC)(DG)(DG)(DA)(DT)(DG)(DT)(DA)(DT)(DA)(DT)(DA)(DT)(DC)(DT)(DG)(DA)(DC)
(DA)(DC)(DG)(DT)(DG)(DC)(DC)(DT)(DG)(DG)(DA)(DG)(DA)(DC)(DT)(DA)(DG)(DG)(DG)(DA)
(DG)(DT)(DA)(DA)(DT)(DC)(DC)(DC)(DC)(DT)(DT)(DG)(DG)(DC)(DG)(DG)(DT)(DT)(DA)(DA)
(DA)(DA)(DC)(DG)(DC)(DG)(DG)(DG)(DG)(DG)(DA)(DC)(DA)(DG)(DC)(DG)(DC)(DG)(DT)(DA)
(DC)(DG)(DT)(DG)(DC)(DG)(DT)(DT)(DT)(DA)(DA)(DG)(DC)(DG)(DG)(DT)(DG)(DC)(DT)(DA)
(DG)(DA)(DG)(DC)(DT)(DG)(DT)(DC)(DT)(DA)(DC)(DG)(DA)(DC)(DC)(DA)(DA)(DT)(DT)(DG)
(DA)(DG)(DC)(DG)(DG)(DC)(DC)(DT)(DC)(DG)(DG)(DC)(DA)(DC)(DC)(DG)(DG)(DG)(DA)(DT)
(DT)(DC)(DT)(DC)(DG)(DA)
;
J
3 'polypeptide(L)'
;SGRGKGGKGLGKGGAKRHRKVLRDNIQGITKPAIRRLARRGGVKRISGLIYEETRGVLKVFLENVIRDAVTYTEHAKRKT
VTAMDVVYALKRQGRTLYGFGG
;
F,B
4 'polypeptide(L)'
;SGRGKQGGKTRAKAKTRSSRAGLQFPVGRVHRLLRKGNYAERVGAGAPVYLAAVLEYLTAEILELAGNAARDNKKTRIIP
RHLQLAVRNDEELNKLLGRVTIAQGGVLPNIQSVLLPKKTESSKSAKSK
;
G,C
5 'polypeptide(L)'
;AKSAPAPKKGSKKAVTKTQKKDGKKRRKTRKESYAIYVYKVLKQVHPDTGISSKAMSIMNSFVNDVFERIAGEASRLAHY
NKRSTITSREIQTAVRLLLPGELAKHAVSEGTKAVTCYTSAK
;
H,D
6 'polypeptide(L)'
;GGEKLELRLKSPVGAEPAVYPWPLPVYDKHHDAAHEIIETIRWVCEEIPDLKLAMENYVLIDYDTKSFESMQRLCDKYNR
AIDSIHQLWKGTTQPMKLNTRPSTGLLRHILQQVYNHSVTDPEKLNNYEPFSPEVYGETSFDLVAQMIDEIKMTDDDLFV
DLGSGVGQVVLQVAAATNCKHHYGVEKADIPAKYAETMDREFRKWMKWYGKKHAEYTLERGDFLSEEWRERIANTSVIFV
NNFAFGPEVDHQLKERFANMKEGGRIVSSKPFAPLNFRINSRNLSDIGTIMRVVELSPLKGSVSWTGKPVSYYLHTIDRT
ILENYFSSLKNPKLREEQEAARRRQQRESKSNAATPTKGPEGKVAGPADAPMDSGAEEEKAGAATVKKPSPSKARKKKLN
KKGRKMAGRKRGRPKK
;
K
7 'polypeptide(L)' GSHMMQIFVKTLTGKTITLEVEPSDTIENVKAKIQDKEGIPPDQQRLIFAGKQLEDGRTLSDYNIQKESTLHLVLRLRGC L
8 'polypeptide(L)'
;ARTKQTARKSTGGKAPRKQLATKAARKSAPATGGVKKPHRYRPGTVALREIRRYQKSTELLIRKLPFQRLVREIAQDF
(NLE)TDLRFQSSAV(NLE)ALQEASEAYLVALFEDTNLCAIHAKRVTI(NLE)PKDIQLARRIRGERA
;
E,A
#
loop_
_chem_comp.id
_chem_comp.type
_chem_comp.name
_chem_comp.formula
DA DNA linking 2'-DEOXYADENOSINE-5'-MONOPHOSPHATE 'C10 H14 N5 O6 P'
DC DNA linking 2'-DEOXYCYTIDINE-5'-MONOPHOSPHATE 'C9 H14 N3 O7 P'
DG DNA linking 2'-DEOXYGUANOSINE-5'-MONOPHOSPHATE 'C10 H14 N5 O7 P'
DT DNA linking THYMIDINE-5'-MONOPHOSPHATE 'C10 H15 N2 O8 P'
SAM non-polymer S-ADENOSYLMETHIONINE 'C15 H22 N6 O5 S'
#
# COMPACT_ATOMS: atom_id res chain seq x y z
N ALA C 15 -14.01 22.46 -26.62
CA ALA C 15 -14.56 22.83 -25.32
C ALA C 15 -13.45 22.97 -24.29
N LYS C 16 -13.84 22.95 -23.02
CA LYS C 16 -12.87 22.98 -21.94
C LYS C 16 -12.33 21.59 -21.68
N ARG C 17 -11.56 21.44 -20.62
CA ARG C 17 -10.88 20.19 -20.35
C ARG C 17 -11.85 19.12 -19.87
N HIS C 18 -11.48 17.87 -20.12
CA HIS C 18 -12.24 16.74 -19.62
C HIS C 18 -11.99 16.55 -18.13
N ARG C 19 -12.91 15.82 -17.49
CA ARG C 19 -12.84 15.42 -16.08
C ARG C 19 -12.72 16.64 -15.16
N LYS C 20 -13.85 17.35 -15.05
CA LYS C 20 -14.00 18.50 -14.16
C LYS C 20 -13.56 18.12 -12.74
N VAL C 21 -12.45 18.70 -12.32
CA VAL C 21 -11.68 18.15 -11.21
C VAL C 21 -12.20 18.69 -9.89
N LEU C 22 -12.42 17.78 -8.93
CA LEU C 22 -12.80 18.15 -7.58
C LEU C 22 -11.54 18.41 -6.78
N ARG C 23 -11.43 19.61 -6.21
CA ARG C 23 -10.26 20.00 -5.45
C ARG C 23 -10.68 20.75 -4.20
N ASP C 24 -9.86 20.61 -3.16
CA ASP C 24 -10.01 21.28 -1.87
C ASP C 24 -11.38 20.94 -1.25
N ASN C 25 -11.54 19.65 -0.95
CA ASN C 25 -12.83 19.13 -0.55
C ASN C 25 -12.79 18.39 0.77
N ILE C 26 -11.85 18.72 1.65
CA ILE C 26 -11.92 18.18 3.00
C ILE C 26 -12.88 18.98 3.86
N GLN C 27 -13.30 20.15 3.39
CA GLN C 27 -14.21 21.00 4.14
C GLN C 27 -15.64 20.48 4.18
N GLY C 28 -15.93 19.36 3.55
CA GLY C 28 -17.25 18.75 3.69
C GLY C 28 -17.50 18.25 5.10
N ILE C 29 -16.49 17.70 5.74
CA ILE C 29 -16.64 17.29 7.13
C ILE C 29 -16.51 18.57 7.94
N THR C 30 -17.62 19.26 8.13
CA THR C 30 -17.56 20.60 8.70
C THR C 30 -17.48 20.54 10.22
N LYS C 31 -17.48 21.71 10.84
CA LYS C 31 -17.12 21.80 12.26
C LYS C 31 -18.20 21.28 13.20
N PRO C 32 -19.49 21.65 13.09
CA PRO C 32 -20.47 21.02 14.00
C PRO C 32 -20.72 19.55 13.69
N ALA C 33 -20.38 19.07 12.50
CA ALA C 33 -20.47 17.63 12.25
C ALA C 33 -19.43 16.87 13.07
N ILE C 34 -18.21 17.40 13.13
CA ILE C 34 -17.19 16.80 13.98
C ILE C 34 -17.57 16.95 15.45
N ARG C 35 -18.27 18.03 15.80
CA ARG C 35 -18.74 18.16 17.18
C ARG C 35 -19.80 17.12 17.50
N ARG C 36 -20.72 16.84 16.57
CA ARG C 36 -21.72 15.79 16.78
C ARG C 36 -21.07 14.43 16.92
N LEU C 37 -20.06 14.16 16.07
CA LEU C 37 -19.30 12.93 16.16
C LEU C 37 -18.59 12.82 17.50
N ALA C 38 -18.14 13.95 18.05
CA ALA C 38 -17.55 13.93 19.38
C ALA C 38 -18.59 13.62 20.45
N ARG C 39 -19.79 14.20 20.31
CA ARG C 39 -20.82 13.95 21.31
C ARG C 39 -21.33 12.53 21.27
N ARG C 40 -21.08 11.80 20.19
CA ARG C 40 -21.37 10.36 20.25
C ARG C 40 -20.44 9.66 21.24
N GLY C 41 -19.19 10.11 21.31
CA GLY C 41 -18.19 9.38 22.07
C GLY C 41 -18.28 9.55 23.57
N GLY C 42 -18.80 10.67 24.03
CA GLY C 42 -18.83 10.92 25.47
C GLY C 42 -17.76 11.86 25.96
N VAL C 43 -17.60 12.99 25.28
CA VAL C 43 -16.80 14.09 25.77
C VAL C 43 -17.74 15.22 26.14
N LYS C 44 -17.19 16.25 26.77
CA LYS C 44 -17.99 17.40 27.18
C LYS C 44 -17.60 18.66 26.44
N ARG C 45 -16.34 19.07 26.50
CA ARG C 45 -15.88 20.29 25.85
C ARG C 45 -14.82 19.93 24.84
N ILE C 46 -15.00 20.35 23.60
CA ILE C 46 -14.02 20.12 22.56
C ILE C 46 -13.17 21.37 22.42
N SER C 47 -11.85 21.22 22.54
CA SER C 47 -10.98 22.37 22.45
C SER C 47 -10.86 22.84 21.01
N GLY C 48 -10.24 24.00 20.83
CA GLY C 48 -10.23 24.67 19.56
C GLY C 48 -9.24 24.19 18.54
N LEU C 49 -8.67 23.00 18.70
CA LEU C 49 -7.66 22.52 17.76
C LEU C 49 -7.83 21.05 17.40
N ILE C 50 -8.97 20.43 17.72
CA ILE C 50 -9.24 19.09 17.22
C ILE C 50 -9.65 19.13 15.75
N TYR C 51 -10.23 20.25 15.31
CA TYR C 51 -10.86 20.35 13.99
C TYR C 51 -9.86 20.37 12.83
N GLU C 52 -8.57 20.17 13.07
CA GLU C 52 -7.61 19.85 12.02
C GLU C 52 -7.10 18.43 12.11
N GLU C 53 -6.84 17.95 13.33
CA GLU C 53 -6.32 16.60 13.50
C GLU C 53 -7.35 15.54 13.15
N THR C 54 -8.63 15.81 13.41
CA THR C 54 -9.67 14.88 12.99
C THR C 54 -9.76 14.80 11.48
N ARG C 55 -9.59 15.94 10.79
CA ARG C 55 -9.58 15.92 9.33
C ARG C 55 -8.38 15.15 8.78
N GLY C 56 -7.23 15.30 9.43
CA GLY C 56 -6.06 14.54 9.00
C GLY C 56 -6.22 13.04 9.18
N VAL C 57 -6.77 12.63 10.33
CA VAL C 57 -6.99 11.21 10.61
C VAL C 57 -8.03 10.63 9.65
N LEU C 58 -9.07 11.40 9.34
CA LEU C 58 -10.10 10.92 8.42
C LEU C 58 -9.57 10.78 7.00
N LYS C 59 -8.73 11.71 6.57
CA LYS C 59 -8.15 11.60 5.23
C LYS C 59 -7.21 10.41 5.12
N VAL C 60 -6.43 10.14 6.18
CA VAL C 60 -5.54 8.98 6.17
C VAL C 60 -6.34 7.69 6.12
N PHE C 61 -7.43 7.60 6.88
CA PHE C 61 -8.21 6.36 6.92
C PHE C 61 -8.95 6.11 5.61
N LEU C 62 -9.56 7.15 5.03
CA LEU C 62 -10.26 6.95 3.76
C LEU C 62 -9.30 6.64 2.62
N GLU C 63 -8.10 7.25 2.62
CA GLU C 63 -7.15 6.91 1.56
C GLU C 63 -6.63 5.49 1.75
N ASN C 64 -6.42 5.07 2.99
CA ASN C 64 -5.92 3.72 3.25
C ASN C 64 -6.96 2.62 3.04
N VAL C 65 -8.25 2.96 2.93
CA VAL C 65 -9.24 1.96 2.52
C VAL C 65 -9.47 1.98 1.01
N ILE C 66 -9.54 3.18 0.41
CA ILE C 66 -9.79 3.28 -1.02
C ILE C 66 -8.62 2.72 -1.83
N ARG C 67 -7.39 2.85 -1.34
CA ARG C 67 -6.24 2.30 -2.06
C ARG C 67 -6.13 0.78 -1.97
N ASP C 68 -7.05 0.12 -1.25
CA ASP C 68 -7.20 -1.32 -1.37
C ASP C 68 -8.45 -1.71 -2.15
N ALA C 69 -9.51 -0.91 -2.02
CA ALA C 69 -10.71 -1.20 -2.80
C ALA C 69 -10.48 -1.03 -4.30
N VAL C 70 -9.65 -0.07 -4.69
CA VAL C 70 -9.36 0.13 -6.11
C VAL C 70 -8.55 -1.03 -6.67
N THR C 71 -7.66 -1.62 -5.87
CA THR C 71 -6.93 -2.79 -6.34
C THR C 71 -7.84 -4.02 -6.47
N TYR C 72 -8.70 -4.23 -5.46
CA TYR C 72 -9.66 -5.32 -5.51
C TYR C 72 -10.64 -5.19 -6.67
N THR C 73 -10.93 -3.96 -7.10
CA THR C 73 -11.78 -3.80 -8.29
C THR C 73 -10.98 -3.70 -9.58
N GLU C 74 -9.67 -3.54 -9.50
CA GLU C 74 -8.86 -3.63 -10.71
C GLU C 74 -8.68 -5.07 -11.13
N HIS C 75 -8.61 -5.98 -10.15
CA HIS C 75 -8.30 -7.37 -10.46
C HIS C 75 -9.39 -8.07 -11.27
N ALA C 76 -10.64 -7.63 -11.20
CA ALA C 76 -11.69 -8.23 -12.01
C ALA C 76 -11.89 -7.50 -13.33
N LYS C 77 -11.14 -6.43 -13.56
CA LYS C 77 -11.23 -5.58 -14.77
C LYS C 77 -12.64 -5.03 -14.98
N ARG C 78 -13.26 -4.57 -13.92
CA ARG C 78 -14.49 -3.80 -14.02
C ARG C 78 -14.25 -2.40 -13.49
N LYS C 79 -15.17 -1.49 -13.79
CA LYS C 79 -15.01 -0.10 -13.42
C LYS C 79 -15.88 0.35 -12.26
N THR C 80 -16.72 -0.53 -11.72
CA THR C 80 -17.63 -0.17 -10.64
C THR C 80 -17.09 -0.72 -9.34
N VAL C 81 -16.74 0.16 -8.40
CA VAL C 81 -16.31 -0.28 -7.08
C VAL C 81 -17.57 -0.74 -6.35
N THR C 82 -17.77 -2.05 -6.26
CA THR C 82 -19.01 -2.56 -5.69
C THR C 82 -18.80 -2.74 -4.18
N ALA C 83 -19.90 -2.93 -3.44
CA ALA C 83 -19.84 -2.94 -1.99
C ALA C 83 -19.11 -4.16 -1.45
N MET C 84 -19.09 -5.25 -2.21
CA MET C 84 -18.29 -6.41 -1.83
C MET C 84 -16.81 -6.09 -1.78
N ASP C 85 -16.34 -5.17 -2.63
CA ASP C 85 -14.94 -4.81 -2.63
C ASP C 85 -14.58 -3.97 -1.40
N VAL C 86 -15.48 -3.10 -0.95
CA VAL C 86 -15.22 -2.34 0.26
C VAL C 86 -15.26 -3.26 1.47
N VAL C 87 -16.16 -4.24 1.47
CA VAL C 87 -16.22 -5.19 2.58
C VAL C 87 -14.96 -6.06 2.64
N TYR C 88 -14.45 -6.48 1.48
CA TYR C 88 -13.22 -7.28 1.47
C TYR C 88 -12.00 -6.46 1.87
N ALA C 89 -11.92 -5.20 1.40
CA ALA C 89 -10.78 -4.37 1.74
C ALA C 89 -10.80 -3.98 3.21
N LEU C 90 -11.98 -3.89 3.81
CA LEU C 90 -12.02 -3.68 5.24
C LEU C 90 -11.76 -4.96 6.00
N LYS C 91 -12.04 -6.12 5.40
CA LYS C 91 -11.72 -7.37 6.08
C LYS C 91 -10.22 -7.60 6.11
N ARG C 92 -9.51 -7.16 5.08
CA ARG C 92 -8.07 -7.38 5.06
C ARG C 92 -7.32 -6.45 6.01
N GLN C 93 -7.90 -5.32 6.40
CA GLN C 93 -7.19 -4.41 7.29
C GLN C 93 -7.33 -4.80 8.76
N GLY C 94 -8.50 -5.28 9.19
CA GLY C 94 -8.73 -5.68 10.57
C GLY C 94 -10.10 -5.33 11.08
N ARG C 95 -10.75 -4.33 10.49
CA ARG C 95 -12.10 -3.93 10.88
C ARG C 95 -13.09 -4.50 9.89
N THR C 96 -13.63 -5.67 10.21
CA THR C 96 -14.65 -6.29 9.37
C THR C 96 -15.98 -5.56 9.54
N LEU C 97 -16.86 -5.72 8.56
CA LEU C 97 -18.08 -4.94 8.48
C LEU C 97 -19.22 -5.82 7.99
N TYR C 98 -20.23 -6.01 8.83
CA TYR C 98 -21.38 -6.81 8.46
C TYR C 98 -22.41 -5.94 7.75
N GLY C 99 -23.54 -6.54 7.41
CA GLY C 99 -24.67 -5.80 6.92
C GLY C 99 -24.59 -5.32 5.49
N PHE C 100 -23.71 -5.89 4.68
CA PHE C 100 -23.68 -5.53 3.28
C PHE C 100 -23.45 -6.70 2.34
N GLY C 101 -23.50 -7.94 2.83
CA GLY C 101 -23.40 -9.10 2.00
C GLY C 101 -22.08 -9.83 2.05
N GLY C 102 -21.21 -9.49 2.98
CA GLY C 102 -19.88 -10.09 3.04
C GLY C 102 -19.56 -10.74 4.36
N ARG D 11 17.27 -37.54 -26.05
CA ARG D 11 16.92 -36.72 -24.89
C ARG D 11 17.83 -35.50 -24.78
N ALA D 12 17.26 -34.37 -24.37
CA ALA D 12 18.04 -33.16 -24.18
C ALA D 12 18.78 -33.20 -22.85
N LYS D 13 19.55 -32.15 -22.57
CA LYS D 13 20.28 -32.06 -21.31
C LYS D 13 19.41 -31.41 -20.24
N ALA D 14 19.38 -32.04 -19.06
CA ALA D 14 18.52 -31.60 -17.98
C ALA D 14 19.06 -30.30 -17.37
N LYS D 15 18.29 -29.22 -17.50
CA LYS D 15 18.67 -27.91 -17.00
C LYS D 15 17.53 -27.40 -16.13
N THR D 16 17.86 -27.00 -14.90
CA THR D 16 16.82 -26.71 -13.91
C THR D 16 16.14 -25.37 -14.18
N ARG D 17 14.90 -25.25 -13.70
CA ARG D 17 14.07 -24.09 -14.02
C ARG D 17 14.50 -22.83 -13.31
N SER D 18 15.23 -22.94 -12.20
CA SER D 18 15.70 -21.75 -11.50
C SER D 18 16.71 -20.99 -12.35
N SER D 19 17.54 -21.72 -13.09
CA SER D 19 18.53 -21.09 -13.94
C SER D 19 17.93 -20.49 -15.20
N ARG D 20 16.75 -20.93 -15.61
CA ARG D 20 16.17 -20.42 -16.85
C ARG D 20 15.65 -19.00 -16.68
N ALA D 21 15.34 -18.58 -15.47
CA ALA D 21 14.80 -17.25 -15.26
C ALA D 21 15.80 -16.30 -14.63
N GLY D 22 16.95 -16.79 -14.18
CA GLY D 22 17.90 -15.93 -13.51
C GLY D 22 17.60 -15.71 -12.04
N LEU D 23 17.14 -16.76 -11.36
CA LEU D 23 16.79 -16.67 -9.95
C LEU D 23 17.77 -17.49 -9.12
N GLN D 24 17.54 -17.49 -7.81
CA GLN D 24 18.37 -18.28 -6.91
C GLN D 24 17.59 -19.18 -5.98
N PHE D 25 16.42 -18.76 -5.52
CA PHE D 25 15.54 -19.64 -4.75
C PHE D 25 15.01 -20.75 -5.64
N PRO D 26 14.74 -21.94 -5.07
CA PRO D 26 14.30 -23.06 -5.89
C PRO D 26 12.87 -22.88 -6.37
N VAL D 27 12.70 -22.91 -7.68
CA VAL D 27 11.37 -22.70 -8.24
C VAL D 27 10.50 -23.93 -8.05
N GLY D 28 11.10 -25.12 -8.22
CA GLY D 28 10.34 -26.35 -8.08
C GLY D 28 9.84 -26.61 -6.68
N ARG D 29 10.60 -26.18 -5.68
CA ARG D 29 10.14 -26.32 -4.31
C ARG D 29 8.94 -25.43 -4.04
N VAL D 30 8.94 -24.23 -4.60
CA VAL D 30 7.80 -23.33 -4.46
C VAL D 30 6.59 -23.89 -5.20
N HIS D 31 6.82 -24.55 -6.33
CA HIS D 31 5.72 -25.18 -7.07
C HIS D 31 5.11 -26.34 -6.28
N ARG D 32 5.96 -27.17 -5.68
CA ARG D 32 5.47 -28.30 -4.91
C ARG D 32 4.80 -27.84 -3.63
N LEU D 33 5.16 -26.65 -3.14
CA LEU D 33 4.44 -26.14 -1.98
C LEU D 33 3.11 -25.52 -2.36
N LEU D 34 3.02 -24.83 -3.50
CA LEU D 34 1.72 -24.28 -3.89
C LEU D 34 0.74 -25.35 -4.35
N ARG D 35 1.20 -26.49 -4.82
CA ARG D 35 0.21 -27.50 -5.22
C ARG D 35 -0.35 -28.24 -4.01
N LYS D 36 0.52 -28.65 -3.09
CA LYS D 36 0.14 -29.50 -1.97
C LYS D 36 -0.51 -28.71 -0.84
N GLY D 37 -0.52 -27.39 -0.92
CA GLY D 37 -1.00 -26.61 0.19
C GLY D 37 -2.46 -26.27 0.13
N ASN D 38 -3.13 -26.73 -0.93
CA ASN D 38 -4.57 -26.57 -1.16
C ASN D 38 -4.98 -25.10 -1.17
N TYR D 39 -4.24 -24.31 -1.93
CA TYR D 39 -4.58 -22.90 -2.06
C TYR D 39 -5.54 -22.65 -3.21
N ALA D 40 -5.58 -23.56 -4.17
CA ALA D 40 -6.56 -23.55 -5.25
C ALA D 40 -6.64 -24.94 -5.84
N GLU D 41 -7.46 -25.09 -6.88
CA GLU D 41 -7.54 -26.36 -7.58
C GLU D 41 -6.29 -26.60 -8.40
N ARG D 42 -5.99 -25.69 -9.33
CA ARG D 42 -4.91 -25.84 -10.27
C ARG D 42 -3.98 -24.65 -10.13
N VAL D 43 -2.68 -24.92 -9.97
CA VAL D 43 -1.67 -23.87 -9.83
C VAL D 43 -1.04 -23.65 -11.19
N GLY D 44 -1.07 -22.41 -11.67
CA GLY D 44 -0.57 -22.12 -12.98
C GLY D 44 0.95 -22.18 -13.06
N ALA D 45 1.44 -22.39 -14.27
CA ALA D 45 2.88 -22.53 -14.45
C ALA D 45 3.60 -21.19 -14.44
N GLY D 46 2.87 -20.11 -14.66
CA GLY D 46 3.50 -18.81 -14.60
C GLY D 46 3.67 -18.24 -13.22
N ALA D 47 3.04 -18.84 -12.21
CA ALA D 47 3.06 -18.31 -10.85
C ALA D 47 4.33 -18.55 -10.03
N PRO D 48 4.84 -19.77 -9.85
CA PRO D 48 5.86 -19.97 -8.82
C PRO D 48 7.21 -19.35 -9.15
N VAL D 49 7.47 -19.02 -10.42
CA VAL D 49 8.63 -18.20 -10.76
C VAL D 49 8.51 -16.83 -10.10
N TYR D 50 7.34 -16.20 -10.26
CA TYR D 50 7.09 -14.90 -9.66
C TYR D 50 7.14 -14.95 -8.15
N LEU D 51 6.64 -16.05 -7.56
CA LEU D 51 6.64 -16.15 -6.10
C LEU D 51 8.06 -16.32 -5.55
N ALA D 52 8.87 -17.15 -6.22
CA ALA D 52 10.27 -17.30 -5.83
C ALA D 52 11.03 -16.00 -5.97
N ALA D 53 10.69 -15.22 -7.00
CA ALA D 53 11.38 -13.96 -7.21
C ALA D 53 11.04 -12.94 -6.13
N VAL D 54 9.78 -12.88 -5.71
CA VAL D 54 9.39 -11.92 -4.67
C VAL D 54 10.00 -12.31 -3.32
N LEU D 55 10.00 -13.61 -3.00
CA LEU D 55 10.65 -14.07 -1.76
C LEU D 55 12.14 -13.77 -1.76
N GLU D 56 12.79 -13.94 -2.92
CA GLU D 56 14.22 -13.70 -2.98
C GLU D 56 14.54 -12.21 -2.86
N TYR D 57 13.69 -11.34 -3.41
CA TYR D 57 13.93 -9.91 -3.24
C TYR D 57 13.75 -9.48 -1.79
N LEU D 58 12.74 -10.02 -1.11
CA LEU D 58 12.53 -9.66 0.29
C LEU D 58 13.67 -10.14 1.18
N THR D 59 14.18 -11.35 0.93
CA THR D 59 15.28 -11.81 1.78
C THR D 59 16.59 -11.09 1.46
N ALA D 60 16.75 -10.59 0.22
CA ALA D 60 17.93 -9.77 -0.05
C ALA D 60 17.84 -8.42 0.64
N GLU D 61 16.63 -7.84 0.68
CA GLU D 61 16.46 -6.55 1.32
C GLU D 61 16.64 -6.63 2.84
N ILE D 62 16.26 -7.75 3.46
CA ILE D 62 16.58 -7.88 4.89
C ILE D 62 18.08 -8.10 5.10
N LEU D 63 18.69 -9.00 4.31
CA LEU D 63 20.06 -9.40 4.60
C LEU D 63 21.07 -8.30 4.30
N GLU D 64 20.75 -7.37 3.40
CA GLU D 64 21.67 -6.26 3.15
C GLU D 64 21.78 -5.34 4.37
N LEU D 65 20.65 -4.96 4.95
CA LEU D 65 20.67 -4.13 6.15
C LEU D 65 21.25 -4.89 7.34
N ALA D 66 21.02 -6.20 7.39
CA ALA D 66 21.59 -7.00 8.47
C ALA D 66 23.10 -7.04 8.39
N GLY D 67 23.65 -7.26 7.19
CA GLY D 67 25.09 -7.26 7.03
C GLY D 67 25.70 -5.88 7.24
N ASN D 68 24.96 -4.82 6.90
CA ASN D 68 25.47 -3.48 7.13
C ASN D 68 25.56 -3.16 8.61
N ALA D 69 24.53 -3.55 9.38
CA ALA D 69 24.60 -3.37 10.83
C ALA D 69 25.63 -4.29 11.47
N ALA D 70 25.91 -5.44 10.86
CA ALA D 70 26.95 -6.32 11.40
C ALA D 70 28.34 -5.73 11.16
N ARG D 71 28.56 -5.15 9.99
CA ARG D 71 29.85 -4.53 9.71
C ARG D 71 30.05 -3.25 10.49
N ASP D 72 28.98 -2.54 10.83
CA ASP D 72 29.12 -1.32 11.61
C ASP D 72 29.52 -1.60 13.05
N ASN D 73 29.23 -2.78 13.58
CA ASN D 73 29.48 -3.08 14.98
C ASN D 73 30.72 -3.95 15.17
N LYS D 74 31.68 -3.86 14.25
CA LYS D 74 33.02 -4.48 14.34
C LYS D 74 32.97 -6.00 14.49
N LYS D 75 32.04 -6.64 13.80
CA LYS D 75 31.92 -8.10 13.84
C LYS D 75 31.62 -8.62 12.44
N THR D 76 31.82 -9.93 12.25
CA THR D 76 31.63 -10.51 10.93
C THR D 76 30.53 -11.56 10.85
N ARG D 77 30.18 -12.21 11.94
CA ARG D 77 29.04 -13.10 11.93
C ARG D 77 27.77 -12.31 12.25
N ILE D 78 26.73 -12.55 11.47
CA ILE D 78 25.44 -11.94 11.74
C ILE D 78 24.79 -12.73 12.87
N ILE D 79 24.54 -12.06 13.99
CA ILE D 79 23.89 -12.66 15.15
C ILE D 79 22.52 -11.99 15.24
N PRO D 80 21.50 -12.61 15.88
CA PRO D 80 20.12 -12.10 15.73
C PRO D 80 19.88 -10.69 16.25
N ARG D 81 20.73 -10.20 17.16
CA ARG D 81 20.64 -8.81 17.60
C ARG D 81 20.86 -7.84 16.44
N HIS D 82 21.71 -8.22 15.49
CA HIS D 82 21.86 -7.40 14.28
C HIS D 82 20.60 -7.43 13.42
N LEU D 83 19.90 -8.56 13.40
CA LEU D 83 18.66 -8.65 12.64
C LEU D 83 17.59 -7.76 13.24
N GLN D 84 17.53 -7.72 14.58
CA GLN D 84 16.61 -6.81 15.25
C GLN D 84 17.00 -5.35 15.02
N LEU D 85 18.29 -5.06 15.02
CA LEU D 85 18.73 -3.70 14.81
C LEU D 85 18.62 -3.26 13.37
N ALA D 86 18.43 -4.21 12.44
CA ALA D 86 18.22 -3.85 11.05
C ALA D 86 16.75 -3.82 10.65
N VAL D 87 15.90 -4.60 11.31
CA VAL D 87 14.49 -4.59 10.94
C VAL D 87 13.82 -3.32 11.46
N ARG D 88 13.90 -3.06 12.76
CA ARG D 88 13.14 -1.98 13.38
C ARG D 88 13.65 -0.59 13.03
N ASN D 89 14.92 -0.45 12.66
CA ASN D 89 15.48 0.89 12.52
C ASN D 89 15.03 1.54 11.22
N ASP D 90 14.86 0.76 10.16
CA ASP D 90 14.25 1.28 8.96
C ASP D 90 12.73 1.34 9.16
N GLU D 91 12.07 2.22 8.44
CA GLU D 91 10.63 2.40 8.62
C GLU D 91 9.79 1.80 7.50
N GLU D 92 10.37 1.52 6.33
CA GLU D 92 9.58 0.88 5.28
C GLU D 92 9.49 -0.62 5.48
N LEU D 93 10.39 -1.21 6.25
CA LEU D 93 10.30 -2.62 6.57
C LEU D 93 9.61 -2.88 7.90
N ASN D 94 9.20 -1.83 8.61
CA ASN D 94 8.58 -2.05 9.90
C ASN D 94 7.14 -2.55 9.76
N LYS D 95 6.37 -1.96 8.85
CA LYS D 95 4.94 -2.25 8.75
C LYS D 95 4.65 -3.63 8.20
N LEU D 96 5.61 -4.30 7.58
CA LEU D 96 5.44 -5.69 7.20
C LEU D 96 5.67 -6.61 8.39
N LEU D 97 6.69 -6.32 9.19
CA LEU D 97 7.00 -7.09 10.39
C LEU D 97 6.47 -6.41 11.64
N GLY D 98 5.30 -5.80 11.56
CA GLY D 98 4.79 -4.99 12.65
C GLY D 98 4.32 -5.76 13.87
N ARG D 99 4.26 -7.07 13.81
CA ARG D 99 3.78 -7.87 14.93
C ARG D 99 4.62 -9.12 15.11
N VAL D 100 5.94 -8.96 15.07
CA VAL D 100 6.83 -10.08 15.34
C VAL D 100 7.72 -9.72 16.51
N THR D 101 8.11 -10.74 17.26
CA THR D 101 9.07 -10.61 18.36
C THR D 101 10.23 -11.54 18.04
N ILE D 102 11.32 -11.00 17.51
CA ILE D 102 12.45 -11.82 17.12
C ILE D 102 13.15 -12.34 18.36
N ALA D 103 13.42 -13.64 18.38
CA ALA D 103 14.06 -14.26 19.53
C ALA D 103 15.49 -13.77 19.69
N GLN D 104 15.93 -13.68 20.95
CA GLN D 104 17.20 -13.07 21.35
C GLN D 104 17.32 -11.64 20.84
N GLY D 105 16.21 -10.92 20.80
CA GLY D 105 16.14 -9.70 20.04
C GLY D 105 16.75 -8.46 20.68
N GLY D 106 16.15 -8.01 21.77
CA GLY D 106 16.48 -6.71 22.32
C GLY D 106 15.69 -5.62 21.64
N VAL D 107 15.81 -4.41 22.20
CA VAL D 107 15.03 -3.27 21.73
C VAL D 107 16.05 -2.25 21.20
N LEU D 108 15.56 -1.31 20.38
CA LEU D 108 16.37 -0.20 19.94
C LEU D 108 16.82 0.65 21.14
N PRO D 109 17.99 1.28 21.07
CA PRO D 109 18.40 2.21 22.13
C PRO D 109 17.57 3.49 22.04
N ASN D 110 16.75 3.73 23.06
CA ASN D 110 15.80 4.83 23.00
C ASN D 110 15.48 5.32 24.41
N ILE D 111 15.75 6.59 24.66
CA ILE D 111 15.38 7.27 25.90
C ILE D 111 14.53 8.47 25.52
N GLN D 112 13.49 8.74 26.31
CA GLN D 112 12.64 9.88 26.03
C GLN D 112 13.35 11.18 26.36
N SER D 113 12.74 12.30 25.97
CA SER D 113 13.41 13.58 26.12
C SER D 113 13.26 14.17 27.52
N VAL D 114 12.22 13.79 28.26
CA VAL D 114 11.99 14.36 29.59
C VAL D 114 12.92 13.76 30.63
N LEU D 115 13.24 12.47 30.52
CA LEU D 115 13.93 11.77 31.60
C LEU D 115 15.40 12.13 31.73
N LEU D 116 15.96 12.82 30.74
CA LEU D 116 17.34 13.28 30.83
C LEU D 116 17.48 14.38 31.89
N PRO D 117 18.60 14.42 32.61
CA PRO D 117 18.72 15.41 33.69
C PRO D 117 18.92 16.82 33.15
N LYS D 118 18.56 17.78 33.99
CA LYS D 118 18.62 19.19 33.61
C LYS D 118 20.04 19.74 33.72
N THR E 29 14.90 -39.85 8.81
CA THR E 29 14.33 -39.12 7.69
C THR E 29 14.98 -37.78 7.49
N ARG E 30 14.65 -37.12 6.38
CA ARG E 30 15.22 -35.82 6.04
C ARG E 30 14.10 -34.78 6.02
N LYS E 31 14.36 -33.65 6.67
CA LYS E 31 13.39 -32.56 6.74
C LYS E 31 13.81 -31.43 5.79
N GLU E 32 12.81 -30.70 5.32
CA GLU E 32 13.02 -29.63 4.36
C GLU E 32 13.47 -28.38 5.07
N SER E 33 14.05 -27.46 4.29
CA SER E 33 14.55 -26.20 4.83
C SER E 33 14.68 -25.18 3.71
N TYR E 34 15.15 -23.99 4.07
CA TYR E 34 15.52 -22.96 3.11
C TYR E 34 16.94 -22.48 3.36
N ALA E 35 17.81 -23.34 3.91
CA ALA E 35 19.06 -22.88 4.48
C ALA E 35 20.06 -22.46 3.40
N ILE E 36 20.42 -23.41 2.52
CA ILE E 36 21.56 -23.17 1.64
C ILE E 36 21.23 -22.17 0.55
N TYR E 37 19.95 -21.92 0.27
CA TYR E 37 19.63 -20.85 -0.66
C TYR E 37 19.81 -19.48 -0.02
N VAL E 38 19.45 -19.34 1.25
CA VAL E 38 19.69 -18.09 1.97
C VAL E 38 21.19 -17.84 2.09
N TYR E 39 21.95 -18.91 2.37
CA TYR E 39 23.40 -18.77 2.42
C TYR E 39 24.00 -18.45 1.04
N LYS E 40 23.40 -18.95 -0.04
CA LYS E 40 23.86 -18.60 -1.37
C LYS E 40 23.57 -17.16 -1.71
N VAL E 41 22.40 -16.66 -1.30
CA VAL E 41 22.06 -15.29 -1.67
C VAL E 41 22.77 -14.30 -0.76
N LEU E 42 23.31 -14.76 0.38
CA LEU E 42 24.12 -13.86 1.19
C LEU E 42 25.45 -13.55 0.53
N LYS E 43 26.06 -14.52 -0.13
CA LYS E 43 27.36 -14.30 -0.76
C LYS E 43 27.30 -13.36 -1.95
N GLN E 44 26.13 -13.20 -2.57
CA GLN E 44 26.05 -12.27 -3.68
C GLN E 44 25.90 -10.83 -3.22
N VAL E 45 25.56 -10.61 -1.96
CA VAL E 45 25.31 -9.26 -1.48
C VAL E 45 26.38 -8.82 -0.47
N HIS E 46 27.12 -9.78 0.09
CA HIS E 46 28.29 -9.48 0.89
C HIS E 46 29.37 -10.51 0.57
N PRO E 47 30.64 -10.12 0.57
CA PRO E 47 31.69 -11.09 0.19
C PRO E 47 32.01 -12.12 1.25
N ASP E 48 32.16 -11.75 2.52
CA ASP E 48 32.83 -12.65 3.45
C ASP E 48 32.19 -12.64 4.82
N THR E 49 30.89 -12.38 4.91
CA THR E 49 30.20 -12.37 6.20
C THR E 49 29.17 -13.48 6.20
N GLY E 50 29.40 -14.51 7.00
CA GLY E 50 28.46 -15.59 7.14
C GLY E 50 27.52 -15.38 8.32
N ILE E 51 26.40 -16.10 8.30
CA ILE E 51 25.39 -16.00 9.33
C ILE E 51 25.56 -17.14 10.32
N SER E 52 25.20 -16.88 11.56
CA SER E 52 25.18 -17.91 12.58
C SER E 52 23.95 -18.79 12.44
N SER E 53 23.88 -19.82 13.28
CA SER E 53 22.83 -20.82 13.14
C SER E 53 21.46 -20.29 13.55
N LYS E 54 21.40 -19.58 14.67
CA LYS E 54 20.10 -19.09 15.10
C LYS E 54 19.60 -17.93 14.25
N ALA E 55 20.46 -17.31 13.45
CA ALA E 55 19.96 -16.40 12.44
C ALA E 55 19.44 -17.15 11.22
N MET E 56 20.05 -18.30 10.91
CA MET E 56 19.55 -19.12 9.81
C MET E 56 18.16 -19.66 10.12
N SER E 57 17.89 -20.01 11.38
CA SER E 57 16.54 -20.43 11.72
C SER E 57 15.55 -19.27 11.63
N ILE E 58 15.99 -18.04 11.92
CA ILE E 58 15.11 -16.89 11.85
C ILE E 58 14.73 -16.59 10.41
N MET E 59 15.71 -16.57 9.50
CA MET E 59 15.39 -16.37 8.09
C MET E 59 14.57 -17.54 7.53
N ASN E 60 14.82 -18.76 8.04
CA ASN E 60 14.07 -19.92 7.60
C ASN E 60 12.63 -19.85 8.03
N SER E 61 12.34 -19.19 9.14
CA SER E 61 10.93 -18.98 9.46
C SER E 61 10.36 -17.77 8.76
N PHE E 62 11.19 -16.76 8.46
CA PHE E 62 10.66 -15.53 7.86
C PHE E 62 10.22 -15.74 6.42
N VAL E 63 11.03 -16.46 5.64
CA VAL E 63 10.65 -16.73 4.26
C VAL E 63 9.40 -17.60 4.22
N ASN E 64 9.30 -18.55 5.15
CA ASN E 64 8.12 -19.40 5.25
C ASN E 64 6.88 -18.60 5.61
N ASP E 65 7.01 -17.61 6.49
CA ASP E 65 5.85 -16.81 6.88
C ASP E 65 5.39 -15.89 5.76
N VAL E 66 6.33 -15.29 5.03
CA VAL E 66 5.93 -14.40 3.93
C VAL E 66 5.30 -15.20 2.80
N PHE E 67 5.82 -16.40 2.55
CA PHE E 67 5.21 -17.26 1.52
C PHE E 67 3.83 -17.73 1.94
N GLU E 68 3.64 -18.02 3.24
CA GLU E 68 2.33 -18.41 3.74
C GLU E 68 1.32 -17.28 3.62
N ARG E 69 1.73 -16.06 3.95
CA ARG E 69 0.80 -14.93 3.88
C ARG E 69 0.45 -14.59 2.44
N ILE E 70 1.42 -14.64 1.52
CA ILE E 70 1.14 -14.29 0.12
C ILE E 70 0.23 -15.33 -0.53
N ALA E 71 0.52 -16.62 -0.31
CA ALA E 71 -0.35 -17.64 -0.90
C ALA E 71 -1.72 -17.65 -0.25
N GLY E 72 -1.80 -17.39 1.05
CA GLY E 72 -3.09 -17.33 1.72
C GLY E 72 -3.92 -16.11 1.37
N GLU E 73 -3.28 -15.06 0.84
CA GLU E 73 -4.08 -13.95 0.33
C GLU E 73 -4.49 -14.18 -1.11
N ALA E 74 -3.60 -14.75 -1.92
CA ALA E 74 -3.96 -15.00 -3.30
C ALA E 74 -5.00 -16.11 -3.44
N SER E 75 -5.10 -17.00 -2.46
CA SER E 75 -6.15 -18.01 -2.48
C SER E 75 -7.53 -17.40 -2.38
N ARG E 76 -7.75 -16.56 -1.36
CA ARG E 76 -9.03 -15.88 -1.23
C ARG E 76 -9.24 -14.84 -2.32
N LEU E 77 -8.18 -14.31 -2.91
CA LEU E 77 -8.36 -13.42 -4.04
C LEU E 77 -8.81 -14.14 -5.29
N ALA E 78 -8.34 -15.37 -5.53
CA ALA E 78 -8.82 -16.11 -6.69
C ALA E 78 -10.15 -16.79 -6.41
N HIS E 79 -10.71 -16.59 -5.23
CA HIS E 79 -11.98 -17.19 -4.86
C HIS E 79 -13.13 -16.20 -4.95
N TYR E 80 -12.87 -14.90 -4.96
CA TYR E 80 -13.94 -13.91 -5.02
C TYR E 80 -14.27 -13.52 -6.46
N ASN E 81 -13.66 -14.19 -7.43
CA ASN E 81 -14.03 -13.97 -8.83
C ASN E 81 -14.43 -15.25 -9.53
N LYS E 82 -14.69 -16.33 -8.78
CA LYS E 82 -15.23 -17.60 -9.28
C LYS E 82 -14.34 -18.29 -10.31
N ARG E 83 -13.05 -17.96 -10.32
CA ARG E 83 -12.09 -18.69 -11.11
C ARG E 83 -11.46 -19.78 -10.24
N SER E 84 -10.58 -20.59 -10.83
CA SER E 84 -10.01 -21.68 -10.06
C SER E 84 -8.52 -21.87 -10.31
N THR E 85 -7.89 -21.03 -11.12
CA THR E 85 -6.48 -21.17 -11.44
C THR E 85 -5.74 -19.94 -10.94
N ILE E 86 -4.99 -20.09 -9.86
CA ILE E 86 -4.13 -19.02 -9.36
C ILE E 86 -2.99 -18.85 -10.37
N THR E 87 -3.10 -17.80 -11.15
CA THR E 87 -2.25 -17.61 -12.32
C THR E 87 -1.14 -16.64 -11.93
N SER E 88 -0.37 -16.17 -12.92
CA SER E 88 0.70 -15.22 -12.63
C SER E 88 0.21 -13.79 -12.51
N ARG E 89 -1.10 -13.59 -12.39
CA ARG E 89 -1.61 -12.25 -12.12
C ARG E 89 -2.13 -12.12 -10.70
N GLU E 90 -2.57 -13.23 -10.10
CA GLU E 90 -3.09 -13.21 -8.74
C GLU E 90 -1.99 -12.86 -7.73
N ILE E 91 -0.79 -13.35 -7.96
CA ILE E 91 0.33 -13.00 -7.09
C ILE E 91 0.66 -11.52 -7.21
N GLN E 92 0.59 -10.97 -8.42
CA GLN E 92 0.87 -9.55 -8.62
C GLN E 92 -0.23 -8.67 -8.02
N THR E 93 -1.44 -9.19 -7.92
CA THR E 93 -2.46 -8.39 -7.24
C THR E 93 -2.35 -8.54 -5.72
N ALA E 94 -1.91 -9.68 -5.22
CA ALA E 94 -1.82 -9.84 -3.76
C ALA E 94 -0.59 -9.17 -3.17
N VAL E 95 0.49 -9.05 -3.95
CA VAL E 95 1.71 -8.42 -3.43
C VAL E 95 1.53 -6.92 -3.27
N ARG E 96 0.77 -6.28 -4.16
CA ARG E 96 0.46 -4.86 -3.93
C ARG E 96 -0.55 -4.64 -2.81
N LEU E 97 -1.10 -5.68 -2.19
CA LEU E 97 -1.93 -5.54 -1.02
C LEU E 97 -1.21 -5.86 0.27
N LEU E 98 -0.35 -6.87 0.29
CA LEU E 98 0.29 -7.25 1.55
C LEU E 98 1.39 -6.27 1.95
N LEU E 99 2.35 -6.06 1.07
CA LEU E 99 3.51 -5.25 1.38
C LEU E 99 3.14 -3.77 1.37
N PRO E 100 3.87 -2.93 2.10
CA PRO E 100 3.53 -1.50 2.14
C PRO E 100 3.85 -0.75 0.87
N GLY E 101 3.68 0.58 0.93
CA GLY E 101 3.62 1.38 -0.28
C GLY E 101 4.97 1.73 -0.89
N GLU E 102 6.06 1.17 -0.39
CA GLU E 102 7.34 1.41 -1.03
C GLU E 102 7.95 0.13 -1.61
N LEU E 103 7.86 -0.98 -0.87
CA LEU E 103 8.43 -2.23 -1.35
C LEU E 103 7.63 -2.85 -2.49
N ALA E 104 6.38 -2.40 -2.70
CA ALA E 104 5.54 -3.00 -3.72
C ALA E 104 6.05 -2.71 -5.12
N LYS E 105 6.54 -1.48 -5.33
CA LYS E 105 7.06 -1.10 -6.65
C LYS E 105 8.27 -1.93 -7.02
N HIS E 106 9.16 -2.18 -6.06
CA HIS E 106 10.34 -2.98 -6.37
C HIS E 106 10.00 -4.45 -6.48
N ALA E 107 9.00 -4.92 -5.71
CA ALA E 107 8.58 -6.31 -5.82
C ALA E 107 8.00 -6.60 -7.20
N VAL E 108 7.16 -5.71 -7.72
CA VAL E 108 6.63 -5.99 -9.05
C VAL E 108 7.66 -5.71 -10.15
N SER E 109 8.56 -4.74 -9.96
CA SER E 109 9.58 -4.47 -10.96
C SER E 109 10.71 -5.49 -10.93
N GLU E 110 10.72 -6.39 -9.96
CA GLU E 110 11.55 -7.58 -10.05
C GLU E 110 10.78 -8.80 -10.54
N GLY E 111 9.49 -8.90 -10.21
CA GLY E 111 8.72 -10.05 -10.64
C GLY E 111 8.50 -10.09 -12.14
N THR E 112 8.26 -8.92 -12.76
CA THR E 112 8.11 -8.89 -14.20
C THR E 112 9.41 -9.26 -14.91
N LYS E 113 10.55 -8.81 -14.37
CA LYS E 113 11.84 -9.18 -14.93
C LYS E 113 12.14 -10.66 -14.73
N ALA E 114 11.54 -11.29 -13.72
CA ALA E 114 11.68 -12.74 -13.63
C ALA E 114 10.85 -13.45 -14.68
N VAL E 115 9.58 -13.07 -14.83
CA VAL E 115 8.68 -13.85 -15.68
C VAL E 115 9.02 -13.65 -17.17
N THR E 116 9.38 -12.43 -17.57
CA THR E 116 9.71 -12.17 -18.97
C THR E 116 10.95 -12.92 -19.40
N CYS E 117 11.96 -13.01 -18.53
CA CYS E 117 13.11 -13.86 -18.85
C CYS E 117 12.79 -15.35 -18.71
N TYR E 118 11.73 -15.71 -17.98
CA TYR E 118 11.34 -17.13 -17.96
C TYR E 118 10.72 -17.56 -19.27
N THR E 119 9.89 -16.69 -19.87
CA THR E 119 9.19 -17.10 -21.09
C THR E 119 10.13 -17.18 -22.28
N SER E 120 10.94 -16.15 -22.51
CA SER E 120 11.82 -16.10 -23.66
C SER E 120 13.08 -16.93 -23.47
N ALA E 121 12.91 -18.25 -23.34
CA ALA E 121 14.02 -19.17 -23.22
C ALA E 121 13.65 -20.55 -23.76
N LYS F 4 -26.28 34.04 -41.02
CA LYS F 4 -25.00 33.44 -41.38
C LYS F 4 -23.98 34.50 -41.80
N LEU F 5 -23.29 35.07 -40.82
CA LEU F 5 -22.24 36.04 -41.08
C LEU F 5 -21.01 35.70 -40.24
N GLU F 6 -19.89 36.31 -40.60
CA GLU F 6 -18.61 36.03 -39.98
C GLU F 6 -18.12 37.27 -39.25
N LEU F 7 -16.94 37.15 -38.65
CA LEU F 7 -16.36 38.18 -37.79
C LEU F 7 -14.90 38.39 -38.15
N ARG F 8 -14.65 38.64 -39.44
CA ARG F 8 -13.32 38.61 -40.04
C ARG F 8 -12.36 39.63 -39.40
N LEU F 9 -11.31 39.11 -38.77
CA LEU F 9 -10.20 39.89 -38.23
C LEU F 9 -9.14 40.07 -39.32
N LYS F 10 -7.95 40.49 -38.90
CA LYS F 10 -6.80 40.58 -39.80
C LYS F 10 -5.55 40.30 -38.98
N SER F 11 -4.58 39.63 -39.58
CA SER F 11 -3.33 39.31 -38.90
C SER F 11 -2.39 40.51 -38.96
N PRO F 12 -1.51 40.65 -37.95
CA PRO F 12 -0.53 41.75 -37.97
C PRO F 12 0.43 41.70 -39.15
N VAL F 13 1.12 40.59 -39.32
CA VAL F 13 2.10 40.41 -40.38
C VAL F 13 1.54 39.33 -41.30
N GLY F 14 1.62 39.55 -42.62
CA GLY F 14 1.05 38.63 -43.57
C GLY F 14 -0.45 38.79 -43.66
N ALA F 15 -1.06 37.98 -44.53
CA ALA F 15 -2.49 38.12 -44.78
C ALA F 15 -3.13 36.74 -44.85
N GLU F 16 -3.56 36.22 -43.71
CA GLU F 16 -4.45 35.08 -43.68
C GLU F 16 -5.49 35.31 -42.59
N PRO F 17 -6.57 36.01 -42.87
CA PRO F 17 -7.54 36.34 -41.81
C PRO F 17 -8.33 35.14 -41.32
N ALA F 18 -8.21 34.84 -40.04
CA ALA F 18 -8.98 33.76 -39.43
C ALA F 18 -10.44 34.18 -39.33
N VAL F 19 -11.34 33.23 -39.53
CA VAL F 19 -12.77 33.49 -39.58
C VAL F 19 -13.41 32.96 -38.31
N TYR F 20 -14.70 33.28 -38.14
CA TYR F 20 -15.47 32.85 -36.98
C TYR F 20 -16.92 32.75 -37.41
N PRO F 21 -17.53 31.56 -37.41
CA PRO F 21 -18.99 31.49 -37.58
C PRO F 21 -19.68 32.03 -36.35
N TRP F 22 -20.84 32.66 -36.57
CA TRP F 22 -21.43 33.46 -35.49
C TRP F 22 -22.08 32.63 -34.37
N PRO F 23 -22.86 31.54 -34.61
CA PRO F 23 -23.28 30.73 -33.45
C PRO F 23 -22.09 30.06 -32.80
N LEU F 24 -21.75 30.56 -31.61
CA LEU F 24 -20.49 30.25 -30.97
C LEU F 24 -20.53 28.82 -30.42
N PRO F 25 -19.39 28.13 -30.42
CA PRO F 25 -19.32 26.79 -29.81
C PRO F 25 -19.50 26.89 -28.30
N VAL F 26 -20.39 26.07 -27.77
CA VAL F 26 -20.72 26.14 -26.35
C VAL F 26 -19.59 25.55 -25.52
N TYR F 27 -19.36 26.13 -24.36
CA TYR F 27 -18.34 25.75 -23.40
C TYR F 27 -19.02 25.50 -22.06
N ASP F 28 -18.22 25.43 -20.99
CA ASP F 28 -18.75 25.31 -19.64
C ASP F 28 -19.44 26.62 -19.25
N LYS F 29 -20.03 26.66 -18.04
CA LYS F 29 -20.98 27.71 -17.67
C LYS F 29 -20.31 29.07 -17.50
N HIS F 30 -19.00 29.11 -17.28
CA HIS F 30 -18.25 30.37 -17.36
C HIS F 30 -17.00 30.17 -18.23
N HIS F 31 -17.20 30.25 -19.55
CA HIS F 31 -16.17 30.43 -20.57
C HIS F 31 -16.87 30.72 -21.89
N ASP F 32 -16.47 31.79 -22.56
CA ASP F 32 -17.09 32.18 -23.81
C ASP F 32 -16.00 32.46 -24.85
N ALA F 33 -16.39 32.37 -26.11
CA ALA F 33 -15.47 32.72 -27.19
C ALA F 33 -15.26 34.23 -27.32
N ALA F 34 -16.17 35.03 -26.73
CA ALA F 34 -15.93 36.46 -26.65
C ALA F 34 -14.71 36.77 -25.77
N HIS F 35 -14.53 35.99 -24.70
CA HIS F 35 -13.29 36.07 -23.91
C HIS F 35 -12.08 35.76 -24.76
N GLU F 36 -12.20 34.79 -25.66
CA GLU F 36 -11.10 34.42 -26.55
C GLU F 36 -10.76 35.55 -27.52
N ILE F 37 -11.78 36.17 -28.13
CA ILE F 37 -11.52 37.21 -29.13
C ILE F 37 -10.97 38.47 -28.45
N ILE F 38 -11.56 38.85 -27.32
CA ILE F 38 -11.07 40.01 -26.57
C ILE F 38 -9.67 39.74 -26.01
N GLU F 39 -9.37 38.50 -25.65
CA GLU F 39 -8.05 38.16 -25.15
C GLU F 39 -6.99 38.19 -26.26
N THR F 40 -7.37 37.77 -27.48
CA THR F 40 -6.45 37.91 -28.60
C THR F 40 -6.18 39.37 -28.92
N ILE F 41 -7.23 40.20 -28.87
CA ILE F 41 -7.06 41.63 -29.14
C ILE F 41 -6.20 42.28 -28.06
N ARG F 42 -6.36 41.84 -26.81
CA ARG F 42 -5.56 42.41 -25.73
C ARG F 42 -4.10 41.97 -25.83
N TRP F 43 -3.87 40.72 -26.25
CA TRP F 43 -2.49 40.25 -26.36
C TRP F 43 -1.79 40.87 -27.57
N VAL F 44 -2.52 41.12 -28.65
CA VAL F 44 -1.86 41.77 -29.79
C VAL F 44 -1.70 43.26 -29.53
N CYS F 45 -2.50 43.83 -28.63
CA CYS F 45 -2.23 45.19 -28.16
C CYS F 45 -1.02 45.23 -27.24
N GLU F 46 -0.81 44.18 -26.44
CA GLU F 46 0.39 44.12 -25.62
C GLU F 46 1.62 43.80 -26.46
N GLU F 47 1.42 43.23 -27.65
CA GLU F 47 2.52 42.93 -28.56
C GLU F 47 3.22 44.20 -29.04
N ILE F 48 2.49 45.07 -29.74
CA ILE F 48 3.07 46.32 -30.21
C ILE F 48 2.30 47.49 -29.59
N PRO F 49 3.00 48.52 -29.11
CA PRO F 49 2.31 49.58 -28.35
C PRO F 49 1.57 50.59 -29.20
N ASP F 50 1.85 50.66 -30.51
CA ASP F 50 1.13 51.59 -31.37
C ASP F 50 -0.32 51.18 -31.53
N LEU F 51 -0.58 49.87 -31.54
CA LEU F 51 -1.95 49.39 -31.57
C LEU F 51 -2.66 49.65 -30.25
N LYS F 52 -1.94 49.61 -29.13
CA LYS F 52 -2.55 49.97 -27.85
C LYS F 52 -2.85 51.47 -27.80
N LEU F 53 -2.01 52.28 -28.45
CA LEU F 53 -2.28 53.71 -28.55
C LEU F 53 -3.49 53.98 -29.43
N ALA F 54 -3.68 53.20 -30.49
CA ALA F 54 -4.90 53.28 -31.27
C ALA F 54 -6.10 52.62 -30.58
N MET F 55 -5.85 51.81 -29.56
CA MET F 55 -6.88 51.09 -28.83
C MET F 55 -7.44 51.86 -27.65
N GLU F 56 -6.63 52.70 -26.99
CA GLU F 56 -7.06 53.40 -25.78
C GLU F 56 -8.13 54.45 -26.07
N ASN F 57 -8.02 55.15 -27.20
CA ASN F 57 -9.01 56.15 -27.55
C ASN F 57 -10.22 55.51 -28.25
N TYR F 58 -11.39 56.13 -28.02
CA TYR F 58 -12.67 55.88 -28.70
C TYR F 58 -13.31 54.54 -28.31
N VAL F 59 -12.60 53.71 -27.54
CA VAL F 59 -13.04 52.36 -27.20
C VAL F 59 -12.16 51.89 -26.05
N LEU F 60 -12.71 51.05 -25.17
CA LEU F 60 -11.93 50.38 -24.15
C LEU F 60 -12.09 48.87 -24.32
N ILE F 61 -11.50 48.11 -23.38
CA ILE F 61 -11.49 46.66 -23.47
C ILE F 61 -12.87 46.04 -23.22
N ASP F 62 -13.75 46.74 -22.50
CA ASP F 62 -15.07 46.21 -22.18
C ASP F 62 -15.97 46.17 -23.42
N TYR F 63 -17.13 45.54 -23.26
CA TYR F 63 -17.75 44.82 -24.37
C TYR F 63 -19.27 44.89 -24.33
N ASP F 64 -19.87 44.20 -25.30
CA ASP F 64 -21.26 43.74 -25.28
C ASP F 64 -21.22 42.35 -25.89
N THR F 65 -21.66 41.34 -25.13
CA THR F 65 -21.34 39.97 -25.48
C THR F 65 -22.37 39.29 -26.40
N LYS F 66 -23.66 39.57 -26.24
CA LYS F 66 -24.65 38.84 -27.03
C LYS F 66 -24.88 39.50 -28.38
N SER F 67 -24.68 40.82 -28.46
CA SER F 67 -25.02 41.57 -29.66
C SER F 67 -23.97 41.36 -30.75
N PHE F 68 -24.45 41.24 -31.98
CA PHE F 68 -23.56 41.04 -33.12
C PHE F 68 -22.85 42.33 -33.50
N GLU F 69 -23.55 43.46 -33.37
CA GLU F 69 -23.05 44.71 -33.94
C GLU F 69 -21.91 45.29 -33.12
N SER F 70 -21.88 45.03 -31.82
CA SER F 70 -20.80 45.54 -30.98
C SER F 70 -19.48 44.85 -31.31
N MET F 71 -19.50 43.52 -31.42
CA MET F 71 -18.29 42.79 -31.81
C MET F 71 -17.95 43.07 -33.26
N GLN F 72 -18.95 43.34 -34.09
CA GLN F 72 -18.71 43.81 -35.46
C GLN F 72 -17.94 45.12 -35.46
N ARG F 73 -18.29 46.04 -34.56
CA ARG F 73 -17.56 47.31 -34.47
C ARG F 73 -16.17 47.11 -33.90
N LEU F 74 -16.01 46.14 -32.99
CA LEU F 74 -14.68 45.74 -32.51
C LEU F 74 -13.78 45.31 -33.67
N CYS F 75 -14.27 44.38 -34.50
CA CYS F 75 -13.47 43.94 -35.65
C CYS F 75 -13.26 45.05 -36.69
N ASP F 76 -14.28 45.89 -36.91
CA ASP F 76 -14.17 46.91 -37.94
C ASP F 76 -13.27 48.06 -37.51
N LYS F 77 -13.11 48.28 -36.21
CA LYS F 77 -12.11 49.24 -35.77
C LYS F 77 -10.73 48.61 -35.73
N TYR F 78 -10.64 47.33 -35.34
CA TYR F 78 -9.35 46.66 -35.29
C TYR F 78 -8.73 46.53 -36.68
N ASN F 79 -9.55 46.25 -37.69
CA ASN F 79 -9.05 46.08 -39.05
C ASN F 79 -8.50 47.37 -39.62
N ARG F 80 -9.21 48.49 -39.43
CA ARG F 80 -8.69 49.76 -39.93
C ARG F 80 -7.50 50.22 -39.11
N ALA F 81 -7.41 49.82 -37.84
CA ALA F 81 -6.20 50.11 -37.06
C ALA F 81 -4.99 49.36 -37.62
N ILE F 82 -5.17 48.07 -37.95
CA ILE F 82 -4.08 47.29 -38.54
C ILE F 82 -3.71 47.83 -39.91
N ASP F 83 -4.70 48.29 -40.69
CA ASP F 83 -4.36 48.84 -42.01
C ASP F 83 -3.63 50.19 -41.89
N SER F 84 -3.97 51.00 -40.89
CA SER F 84 -3.25 52.24 -40.68
C SER F 84 -1.80 51.97 -40.25
N ILE F 85 -1.59 50.98 -39.39
CA ILE F 85 -0.19 50.71 -39.05
C ILE F 85 0.52 49.91 -40.14
N HIS F 86 -0.22 49.29 -41.08
CA HIS F 86 0.42 48.77 -42.29
C HIS F 86 0.93 49.90 -43.16
N GLN F 87 0.13 50.96 -43.30
CA GLN F 87 0.60 52.13 -44.03
C GLN F 87 1.77 52.81 -43.32
N LEU F 88 1.75 52.83 -41.98
CA LEU F 88 2.88 53.38 -41.22
C LEU F 88 4.11 52.50 -41.35
N TRP F 89 3.92 51.18 -41.46
CA TRP F 89 5.04 50.25 -41.60
C TRP F 89 5.71 50.33 -42.96
N LYS F 90 5.04 50.89 -43.97
CA LYS F 90 5.70 51.04 -45.26
C LYS F 90 6.34 52.40 -45.41
N GLY F 91 6.39 53.19 -44.33
CA GLY F 91 7.07 54.46 -44.31
C GLY F 91 8.56 54.32 -44.02
N THR F 92 9.06 55.07 -43.04
CA THR F 92 10.48 55.03 -42.72
C THR F 92 10.85 53.99 -41.67
N THR F 93 9.90 53.20 -41.19
CA THR F 93 10.19 52.19 -40.18
C THR F 93 10.25 50.80 -40.79
N GLN F 94 10.92 49.88 -40.10
CA GLN F 94 11.12 48.48 -40.44
C GLN F 94 10.32 47.59 -39.48
N PRO F 95 9.74 46.47 -39.97
CA PRO F 95 8.79 45.70 -39.15
C PRO F 95 9.45 44.93 -38.01
N MET F 96 8.62 44.21 -37.25
CA MET F 96 9.12 43.32 -36.23
C MET F 96 9.84 42.13 -36.87
N LYS F 97 10.86 41.65 -36.18
CA LYS F 97 11.67 40.57 -36.73
C LYS F 97 10.93 39.24 -36.59
N LEU F 98 10.80 38.53 -37.71
CA LEU F 98 9.96 37.34 -37.79
C LEU F 98 10.54 36.14 -37.06
N ASN F 99 11.85 36.10 -36.81
CA ASN F 99 12.50 34.94 -36.23
C ASN F 99 12.58 35.02 -34.71
N THR F 100 11.61 35.65 -34.07
CA THR F 100 11.59 35.80 -32.61
C THR F 100 10.56 34.85 -32.02
N ARG F 101 11.01 34.03 -31.07
CA ARG F 101 10.10 33.13 -30.38
C ARG F 101 9.26 33.90 -29.38
N PRO F 102 8.01 33.50 -29.15
CA PRO F 102 7.13 34.27 -28.26
C PRO F 102 7.46 34.05 -26.80
N SER F 103 6.78 34.81 -25.95
CA SER F 103 6.95 34.72 -24.51
C SER F 103 6.13 33.56 -23.96
N THR F 104 6.01 33.49 -22.64
CA THR F 104 5.32 32.36 -22.04
C THR F 104 3.80 32.55 -22.05
N GLY F 105 3.32 33.78 -21.89
CA GLY F 105 1.89 34.00 -21.80
C GLY F 105 1.21 33.90 -23.15
N LEU F 106 1.83 34.45 -24.18
CA LEU F 106 1.33 34.31 -25.54
C LEU F 106 1.31 32.85 -25.97
N LEU F 107 2.32 32.08 -25.56
CA LEU F 107 2.35 30.66 -25.87
C LEU F 107 1.24 29.92 -25.14
N ARG F 108 0.97 30.28 -23.88
CA ARG F 108 -0.11 29.62 -23.14
C ARG F 108 -1.47 29.94 -23.76
N HIS F 109 -1.67 31.19 -24.18
CA HIS F 109 -2.94 31.55 -24.80
C HIS F 109 -3.12 30.88 -26.16
N ILE F 110 -2.04 30.77 -26.93
CA ILE F 110 -2.12 30.12 -28.24
C ILE F 110 -2.39 28.63 -28.10
N LEU F 111 -1.76 27.98 -27.12
CA LEU F 111 -2.02 26.57 -26.87
C LEU F 111 -3.45 26.34 -26.39
N GLN F 112 -3.96 27.22 -25.52
CA GLN F 112 -5.35 27.08 -25.09
C GLN F 112 -6.32 27.31 -26.24
N GLN F 113 -5.99 28.26 -27.12
CA GLN F 113 -6.85 28.57 -28.27
C GLN F 113 -6.91 27.40 -29.24
N VAL F 114 -5.76 26.80 -29.53
CA VAL F 114 -5.73 25.64 -30.43
C VAL F 114 -6.43 24.45 -29.81
N TYR F 115 -6.26 24.22 -28.50
CA TYR F 115 -6.91 23.08 -27.88
C TYR F 115 -8.43 23.28 -27.76
N ASN F 116 -8.91 24.52 -27.68
CA ASN F 116 -10.35 24.72 -27.70
C ASN F 116 -10.91 24.64 -29.11
N HIS F 117 -10.14 25.09 -30.10
CA HIS F 117 -10.67 25.11 -31.46
C HIS F 117 -10.62 23.75 -32.15
N SER F 118 -9.64 22.91 -31.82
CA SER F 118 -9.39 21.71 -32.62
C SER F 118 -10.36 20.58 -32.25
N VAL F 119 -10.25 20.08 -31.02
CA VAL F 119 -11.09 18.97 -30.59
C VAL F 119 -12.50 19.49 -30.34
N THR F 120 -13.49 18.66 -30.65
CA THR F 120 -14.87 19.11 -30.61
C THR F 120 -15.65 18.60 -29.39
N ASP F 121 -15.60 17.30 -29.13
CA ASP F 121 -16.27 16.70 -27.98
C ASP F 121 -15.22 16.07 -27.08
N PRO F 122 -14.65 16.83 -26.15
CA PRO F 122 -13.57 16.28 -25.32
C PRO F 122 -14.03 15.30 -24.27
N GLU F 123 -15.34 15.07 -24.12
CA GLU F 123 -15.80 13.99 -23.28
C GLU F 123 -15.47 12.64 -23.89
N LYS F 124 -15.32 12.57 -25.21
CA LYS F 124 -15.10 11.29 -25.87
C LYS F 124 -13.70 10.75 -25.66
N LEU F 125 -12.77 11.57 -25.15
CA LEU F 125 -11.43 11.09 -24.85
C LEU F 125 -11.40 10.11 -23.70
N ASN F 126 -12.42 10.10 -22.85
CA ASN F 126 -12.48 9.16 -21.76
C ASN F 126 -12.94 7.78 -22.17
N ASN F 127 -13.18 7.54 -23.46
CA ASN F 127 -13.58 6.22 -23.94
C ASN F 127 -12.33 5.38 -24.12
N TYR F 128 -12.04 4.53 -23.13
CA TYR F 128 -10.88 3.67 -23.24
C TYR F 128 -11.12 2.32 -22.58
N GLU F 129 -10.05 1.57 -22.40
CA GLU F 129 -10.06 0.29 -21.71
C GLU F 129 -9.65 0.49 -20.25
N PRO F 130 -10.35 -0.09 -19.30
CA PRO F 130 -10.07 0.22 -17.89
C PRO F 130 -8.77 -0.40 -17.39
N PHE F 131 -8.01 0.41 -16.64
CA PHE F 131 -6.78 0.01 -15.94
C PHE F 131 -5.74 -0.54 -16.89
N SER F 132 -5.62 0.09 -18.04
CA SER F 132 -4.85 -0.40 -19.18
C SER F 132 -3.80 0.61 -19.56
N PRO F 133 -2.81 0.19 -20.36
CA PRO F 133 -1.93 1.17 -21.00
C PRO F 133 -2.63 2.20 -21.86
N GLU F 134 -3.83 1.92 -22.37
CA GLU F 134 -4.53 2.82 -23.27
C GLU F 134 -5.05 4.10 -22.61
N VAL F 135 -4.90 4.27 -21.29
CA VAL F 135 -5.57 5.36 -20.59
C VAL F 135 -4.93 6.70 -20.93
N TYR F 136 -5.70 7.78 -20.77
CA TYR F 136 -5.29 9.10 -21.21
C TYR F 136 -5.28 10.07 -20.04
N GLY F 137 -4.21 10.84 -19.92
CA GLY F 137 -4.10 11.89 -18.94
C GLY F 137 -3.19 13.01 -19.40
N GLU F 138 -3.70 14.24 -19.37
CA GLU F 138 -3.01 15.38 -19.96
C GLU F 138 -2.11 16.06 -18.95
N THR F 139 -0.95 16.51 -19.43
CA THR F 139 -0.02 17.29 -18.62
C THR F 139 -0.20 18.76 -18.94
N SER F 140 -0.13 19.60 -17.92
CA SER F 140 -0.44 21.01 -18.08
C SER F 140 0.67 21.75 -18.82
N PHE F 141 0.41 23.03 -19.06
CA PHE F 141 1.38 23.91 -19.70
C PHE F 141 2.52 24.24 -18.76
N ASP F 142 2.23 24.38 -17.47
CA ASP F 142 3.18 24.99 -16.54
C ASP F 142 4.33 24.05 -16.22
N LEU F 143 4.03 22.77 -16.01
CA LEU F 143 5.10 21.83 -15.69
C LEU F 143 5.98 21.57 -16.91
N VAL F 144 5.40 21.63 -18.11
CA VAL F 144 6.20 21.48 -19.32
C VAL F 144 7.11 22.70 -19.52
N ALA F 145 6.63 23.89 -19.12
CA ALA F 145 7.49 25.07 -19.17
C ALA F 145 8.64 24.95 -18.16
N GLN F 146 8.36 24.42 -16.97
CA GLN F 146 9.44 24.18 -16.03
C GLN F 146 10.39 23.09 -16.52
N MET F 147 9.87 22.12 -17.27
CA MET F 147 10.70 21.08 -17.87
C MET F 147 11.65 21.67 -18.91
N ILE F 148 11.15 22.62 -19.70
CA ILE F 148 12.00 23.32 -20.65
C ILE F 148 13.06 24.14 -19.93
N ASP F 149 12.67 24.86 -18.88
CA ASP F 149 13.62 25.76 -18.23
C ASP F 149 14.53 25.01 -17.26
N GLU F 150 14.30 23.71 -17.05
CA GLU F 150 15.18 22.94 -16.18
C GLU F 150 16.42 22.46 -16.92
N ILE F 151 16.25 21.65 -17.96
CA ILE F 151 17.37 21.10 -18.69
C ILE F 151 17.65 21.97 -19.91
N LYS F 152 18.87 22.50 -19.98
CA LYS F 152 19.25 23.37 -21.08
C LYS F 152 19.61 22.50 -22.27
N MET F 153 18.71 22.41 -23.24
CA MET F 153 18.93 21.61 -24.43
C MET F 153 19.55 22.47 -25.51
N THR F 154 20.55 21.93 -26.19
CA THR F 154 21.35 22.68 -27.14
C THR F 154 20.94 22.36 -28.57
N ASP F 155 21.72 22.87 -29.53
CA ASP F 155 21.41 22.76 -30.95
C ASP F 155 21.61 21.37 -31.53
N ASP F 156 22.06 20.40 -30.74
CA ASP F 156 22.29 19.05 -31.25
C ASP F 156 21.50 18.01 -30.46
N ASP F 157 20.23 18.27 -30.23
CA ASP F 157 19.39 17.37 -29.45
C ASP F 157 18.23 16.86 -30.31
N LEU F 158 17.56 15.84 -29.80
CA LEU F 158 16.35 15.30 -30.42
C LEU F 158 15.33 15.01 -29.35
N PHE F 159 14.16 15.64 -29.45
CA PHE F 159 13.08 15.49 -28.48
C PHE F 159 12.10 14.47 -29.04
N VAL F 160 12.04 13.30 -28.43
CA VAL F 160 11.05 12.29 -28.76
C VAL F 160 10.07 12.20 -27.60
N ASP F 161 8.78 12.15 -27.92
CA ASP F 161 7.70 12.12 -26.94
C ASP F 161 7.05 10.76 -27.10
N LEU F 162 7.41 9.82 -26.23
CA LEU F 162 6.68 8.57 -26.17
C LEU F 162 5.32 8.84 -25.54
N GLY F 163 4.26 8.55 -26.27
CA GLY F 163 2.94 8.82 -25.76
C GLY F 163 2.60 10.28 -25.80
N SER F 164 2.50 10.83 -27.01
CA SER F 164 2.20 12.25 -27.18
C SER F 164 0.78 12.61 -26.76
N GLY F 165 -0.12 11.64 -26.76
CA GLY F 165 -1.52 11.96 -26.47
C GLY F 165 -2.09 12.77 -27.62
N VAL F 166 -2.80 13.84 -27.27
CA VAL F 166 -3.27 14.77 -28.28
C VAL F 166 -2.09 15.52 -28.88
N GLY F 167 -1.14 15.92 -28.05
CA GLY F 167 0.11 16.42 -28.58
C GLY F 167 0.40 17.90 -28.36
N GLN F 168 -0.04 18.46 -27.25
CA GLN F 168 0.36 19.82 -26.92
C GLN F 168 1.79 19.87 -26.37
N VAL F 169 2.32 18.75 -25.90
CA VAL F 169 3.65 18.72 -25.32
C VAL F 169 4.71 19.00 -26.38
N VAL F 170 4.59 18.35 -27.54
CA VAL F 170 5.55 18.59 -28.62
C VAL F 170 5.39 19.99 -29.18
N LEU F 171 4.19 20.57 -29.11
CA LEU F 171 4.00 21.93 -29.59
C LEU F 171 4.70 22.93 -28.69
N GLN F 172 4.55 22.76 -27.37
CA GLN F 172 5.23 23.64 -26.43
C GLN F 172 6.74 23.50 -26.52
N VAL F 173 7.22 22.28 -26.73
CA VAL F 173 8.66 22.08 -26.87
C VAL F 173 9.18 22.70 -28.16
N ALA F 174 8.47 22.49 -29.27
CA ALA F 174 8.90 23.04 -30.55
C ALA F 174 8.75 24.56 -30.62
N ALA F 175 7.95 25.16 -29.74
CA ALA F 175 7.93 26.60 -29.68
C ALA F 175 8.89 27.18 -28.67
N ALA F 176 9.38 26.37 -27.72
CA ALA F 176 10.27 26.91 -26.71
C ALA F 176 11.73 26.94 -27.17
N THR F 177 12.32 25.78 -27.41
CA THR F 177 13.74 25.66 -27.72
C THR F 177 13.97 25.73 -29.24
N ASN F 178 15.18 25.39 -29.67
CA ASN F 178 15.58 25.52 -31.08
C ASN F 178 16.32 24.27 -31.54
N CYS F 179 15.75 23.10 -31.29
CA CYS F 179 16.41 21.86 -31.72
C CYS F 179 16.23 21.63 -33.22
N LYS F 180 16.73 20.49 -33.68
CA LYS F 180 16.71 20.18 -35.10
C LYS F 180 15.37 19.56 -35.50
N HIS F 181 14.88 18.61 -34.72
CA HIS F 181 13.67 17.88 -35.10
C HIS F 181 13.01 17.38 -33.83
N HIS F 182 11.77 16.89 -33.99
CA HIS F 182 10.98 16.41 -32.87
C HIS F 182 10.11 15.25 -33.34
N TYR F 183 9.66 14.43 -32.40
CA TYR F 183 8.85 13.27 -32.72
C TYR F 183 7.88 12.97 -31.59
N GLY F 184 6.66 12.58 -31.96
CA GLY F 184 5.67 12.13 -31.01
C GLY F 184 4.84 11.01 -31.59
N VAL F 185 4.76 9.89 -30.90
CA VAL F 185 4.17 8.67 -31.45
C VAL F 185 3.06 8.20 -30.51
N GLU F 186 2.00 7.64 -31.07
CA GLU F 186 0.85 7.22 -30.28
C GLU F 186 0.12 6.10 -31.00
N LYS F 187 -0.55 5.24 -30.24
CA LYS F 187 -1.23 4.06 -30.76
C LYS F 187 -2.70 4.28 -31.07
N ALA F 188 -3.50 4.63 -30.07
CA ALA F 188 -4.96 4.56 -30.21
C ALA F 188 -5.49 5.69 -31.07
N ASP F 189 -6.42 5.37 -31.98
CA ASP F 189 -6.75 6.28 -33.06
C ASP F 189 -7.56 7.49 -32.60
N ILE F 190 -8.25 7.38 -31.47
CA ILE F 190 -9.18 8.42 -31.04
C ILE F 190 -8.46 9.71 -30.63
N PRO F 191 -7.31 9.69 -29.93
CA PRO F 191 -6.56 10.96 -29.83
C PRO F 191 -5.83 11.35 -31.11
N ALA F 192 -5.42 10.39 -31.93
CA ALA F 192 -4.61 10.72 -33.10
C ALA F 192 -5.41 11.45 -34.16
N LYS F 193 -6.71 11.15 -34.26
CA LYS F 193 -7.55 11.87 -35.22
C LYS F 193 -7.74 13.32 -34.82
N TYR F 194 -7.72 13.62 -33.51
CA TYR F 194 -7.67 15.02 -33.10
C TYR F 194 -6.30 15.62 -33.33
N ALA F 195 -5.24 14.80 -33.21
CA ALA F 195 -3.88 15.31 -33.39
C ALA F 195 -3.64 15.78 -34.82
N GLU F 196 -4.24 15.07 -35.78
CA GLU F 196 -4.15 15.45 -37.19
C GLU F 196 -4.72 16.82 -37.48
N THR F 197 -5.71 17.28 -36.69
CA THR F 197 -6.23 18.63 -36.84
C THR F 197 -5.49 19.62 -35.93
N MET F 198 -4.94 19.12 -34.83
CA MET F 198 -4.13 19.94 -33.93
C MET F 198 -2.92 20.50 -34.66
N ASP F 199 -2.27 19.66 -35.48
CA ASP F 199 -1.13 20.08 -36.30
C ASP F 199 -1.52 21.25 -37.21
N ARG F 200 -2.63 21.11 -37.92
CA ARG F 200 -3.04 22.12 -38.90
C ARG F 200 -3.42 23.42 -38.22
N GLU F 201 -4.13 23.34 -37.10
CA GLU F 201 -4.56 24.56 -36.42
C GLU F 201 -3.38 25.26 -35.76
N PHE F 202 -2.42 24.51 -35.23
CA PHE F 202 -1.22 25.11 -34.66
C PHE F 202 -0.40 25.81 -35.73
N ARG F 203 -0.26 25.19 -36.90
CA ARG F 203 0.51 25.81 -37.97
C ARG F 203 -0.16 27.08 -38.48
N LYS F 204 -1.49 27.05 -38.62
CA LYS F 204 -2.20 28.25 -39.07
C LYS F 204 -2.12 29.37 -38.06
N TRP F 205 -2.28 29.07 -36.77
CA TRP F 205 -2.28 30.14 -35.79
C TRP F 205 -0.88 30.68 -35.53
N MET F 206 0.15 29.84 -35.55
CA MET F 206 1.49 30.38 -35.41
C MET F 206 1.98 31.06 -36.68
N LYS F 207 1.31 30.81 -37.81
CA LYS F 207 1.52 31.71 -38.94
C LYS F 207 0.81 33.04 -38.72
N TRP F 208 -0.39 33.00 -38.11
CA TRP F 208 -1.18 34.22 -37.92
C TRP F 208 -0.50 35.19 -36.96
N TYR F 209 0.11 34.67 -35.89
CA TYR F 209 0.83 35.55 -34.98
C TYR F 209 2.19 35.96 -35.52
N GLY F 210 2.70 35.26 -36.53
CA GLY F 210 4.00 35.55 -37.07
C GLY F 210 5.14 35.15 -36.15
N LYS F 211 5.14 33.89 -35.71
CA LYS F 211 6.15 33.39 -34.79
C LYS F 211 6.71 32.08 -35.33
N LYS F 212 8.00 32.08 -35.64
CA LYS F 212 8.64 30.89 -36.18
C LYS F 212 9.01 29.92 -35.07
N HIS F 213 8.85 28.63 -35.35
CA HIS F 213 9.03 27.56 -34.40
C HIS F 213 10.05 26.56 -34.92
N ALA F 214 10.17 25.44 -34.24
CA ALA F 214 11.01 24.34 -34.69
C ALA F 214 10.19 23.45 -35.63
N GLU F 215 10.74 22.28 -35.96
CA GLU F 215 10.05 21.32 -36.80
C GLU F 215 9.60 20.12 -35.96
N TYR F 216 8.56 19.46 -36.44
CA TYR F 216 7.88 18.41 -35.68
C TYR F 216 6.97 17.63 -36.63
N THR F 217 6.77 16.36 -36.32
CA THR F 217 5.85 15.51 -37.07
C THR F 217 5.12 14.62 -36.10
N LEU F 218 3.84 14.86 -35.89
CA LEU F 218 3.02 14.05 -35.00
C LEU F 218 2.69 12.73 -35.70
N GLU F 219 3.48 11.71 -35.43
CA GLU F 219 3.37 10.44 -36.13
C GLU F 219 2.50 9.47 -35.34
N ARG F 220 1.98 8.46 -36.04
CA ARG F 220 1.15 7.43 -35.44
C ARG F 220 1.86 6.10 -35.61
N GLY F 221 2.05 5.37 -34.52
CA GLY F 221 2.73 4.09 -34.60
C GLY F 221 2.56 3.24 -33.36
N ASP F 222 3.59 2.45 -33.06
CA ASP F 222 3.58 1.59 -31.89
C ASP F 222 5.04 1.33 -31.54
N PHE F 223 5.49 1.87 -30.42
CA PHE F 223 6.92 1.97 -30.15
C PHE F 223 7.51 0.71 -29.51
N LEU F 224 6.77 -0.39 -29.45
CA LEU F 224 7.35 -1.64 -28.99
C LEU F 224 7.72 -2.56 -30.13
N SER F 225 7.41 -2.20 -31.36
CA SER F 225 7.89 -2.95 -32.51
C SER F 225 9.35 -2.59 -32.77
N GLU F 226 9.98 -3.38 -33.65
CA GLU F 226 11.42 -3.28 -33.85
C GLU F 226 11.81 -2.03 -34.65
N GLU F 227 10.85 -1.31 -35.22
CA GLU F 227 11.17 -0.14 -36.02
C GLU F 227 11.69 1.00 -35.15
N TRP F 228 11.16 1.16 -33.94
CA TRP F 228 11.47 2.33 -33.14
C TRP F 228 12.60 2.11 -32.15
N ARG F 229 13.23 0.93 -32.13
CA ARG F 229 14.30 0.65 -31.18
C ARG F 229 15.54 1.46 -31.51
N GLU F 230 15.96 1.44 -32.77
CA GLU F 230 17.12 2.21 -33.19
C GLU F 230 16.86 3.71 -33.15
N ARG F 231 15.59 4.13 -33.21
CA ARG F 231 15.29 5.54 -33.14
C ARG F 231 15.22 6.02 -31.69
N ILE F 232 14.82 5.15 -30.77
CA ILE F 232 14.98 5.48 -29.35
C ILE F 232 16.45 5.59 -29.01
N ALA F 233 17.25 4.63 -29.46
CA ALA F 233 18.66 4.58 -29.06
C ALA F 233 19.54 5.60 -29.77
N ASN F 234 18.96 6.52 -30.55
CA ASN F 234 19.73 7.54 -31.25
C ASN F 234 19.29 8.95 -30.86
N THR F 235 18.73 9.12 -29.67
CA THR F 235 18.06 10.36 -29.31
C THR F 235 18.48 10.84 -27.94
N SER F 236 18.32 12.15 -27.72
CA SER F 236 18.90 12.80 -26.55
C SER F 236 17.95 12.78 -25.36
N VAL F 237 16.78 13.39 -25.50
CA VAL F 237 15.86 13.62 -24.38
C VAL F 237 14.52 12.97 -24.69
N ILE F 238 13.96 12.29 -23.69
CA ILE F 238 12.76 11.46 -23.86
C ILE F 238 11.74 11.87 -22.81
N PHE F 239 10.52 12.17 -23.25
CA PHE F 239 9.40 12.56 -22.39
C PHE F 239 8.36 11.45 -22.45
N VAL F 240 8.24 10.68 -21.38
CA VAL F 240 7.19 9.68 -21.28
C VAL F 240 6.31 10.08 -20.10
N ASN F 241 5.08 9.58 -20.07
CA ASN F 241 4.13 9.86 -18.99
C ASN F 241 3.46 8.54 -18.64
N ASN F 242 4.03 7.80 -17.70
CA ASN F 242 3.65 6.42 -17.47
C ASN F 242 3.04 6.18 -16.09
N PHE F 243 2.11 7.02 -15.66
CA PHE F 243 1.57 6.84 -14.30
C PHE F 243 0.64 5.64 -14.22
N ALA F 244 0.18 5.12 -15.36
CA ALA F 244 -0.64 3.91 -15.34
C ALA F 244 -0.17 2.88 -16.36
N PHE F 245 1.11 2.90 -16.73
CA PHE F 245 1.62 1.88 -17.63
C PHE F 245 1.70 0.52 -16.97
N GLY F 246 1.80 0.46 -15.65
CA GLY F 246 1.96 -0.80 -14.97
C GLY F 246 3.38 -1.29 -15.07
N PRO F 247 3.63 -2.52 -14.63
CA PRO F 247 5.00 -3.03 -14.64
C PRO F 247 5.36 -3.80 -15.90
N GLU F 248 4.38 -4.07 -16.76
CA GLU F 248 4.64 -4.98 -17.87
C GLU F 248 5.43 -4.29 -18.98
N VAL F 249 4.93 -3.15 -19.48
CA VAL F 249 5.71 -2.41 -20.47
C VAL F 249 6.83 -1.61 -19.83
N ASP F 250 6.83 -1.47 -18.51
CA ASP F 250 7.86 -0.71 -17.83
C ASP F 250 9.21 -1.42 -17.91
N HIS F 251 9.19 -2.75 -17.78
CA HIS F 251 10.43 -3.51 -17.91
C HIS F 251 10.96 -3.49 -19.33
N GLN F 252 10.07 -3.44 -20.32
CA GLN F 252 10.53 -3.39 -21.70
C GLN F 252 11.07 -2.01 -22.06
N LEU F 253 10.51 -0.94 -21.49
CA LEU F 253 11.15 0.36 -21.62
C LEU F 253 12.48 0.42 -20.89
N LYS F 254 12.60 -0.29 -19.77
CA LYS F 254 13.87 -0.39 -19.06
C LYS F 254 14.92 -1.08 -19.93
N GLU F 255 14.51 -2.07 -20.71
CA GLU F 255 15.45 -2.73 -21.60
C GLU F 255 15.82 -1.82 -22.77
N ARG F 256 14.84 -1.14 -23.36
CA ARG F 256 15.12 -0.35 -24.55
C ARG F 256 15.82 0.96 -24.25
N PHE F 257 15.83 1.41 -22.99
CA PHE F 257 16.60 2.60 -22.65
C PHE F 257 18.09 2.34 -22.51
N ALA F 258 18.52 1.08 -22.48
CA ALA F 258 19.90 0.77 -22.13
C ALA F 258 20.89 1.11 -23.23
N ASN F 259 20.46 1.27 -24.47
CA ASN F 259 21.37 1.57 -25.57
C ASN F 259 21.41 3.04 -25.90
N MET F 260 21.13 3.92 -24.94
CA MET F 260 21.16 5.34 -25.23
C MET F 260 22.58 5.86 -25.17
N LYS F 261 22.76 7.09 -25.68
CA LYS F 261 24.08 7.68 -25.72
C LYS F 261 24.46 8.25 -24.37
N GLU F 262 25.60 8.94 -24.34
CA GLU F 262 26.04 9.60 -23.12
C GLU F 262 25.49 11.02 -23.06
N GLY F 263 25.16 11.47 -21.86
CA GLY F 263 24.58 12.77 -21.69
C GLY F 263 23.10 12.85 -22.02
N GLY F 264 22.40 11.74 -22.06
CA GLY F 264 20.98 11.76 -22.35
C GLY F 264 20.14 11.94 -21.11
N ARG F 265 18.86 12.24 -21.32
CA ARG F 265 17.97 12.58 -20.23
C ARG F 265 16.62 11.92 -20.45
N ILE F 266 15.97 11.52 -19.37
CA ILE F 266 14.69 10.82 -19.41
C ILE F 266 13.83 11.36 -18.27
N VAL F 267 12.60 11.78 -18.58
CA VAL F 267 11.70 12.26 -17.55
C VAL F 267 10.44 11.41 -17.56
N SER F 268 9.84 11.24 -16.38
CA SER F 268 8.68 10.38 -16.23
C SER F 268 7.96 10.71 -14.94
N SER F 269 6.65 10.48 -14.95
CA SER F 269 5.85 10.70 -13.74
C SER F 269 5.97 9.58 -12.74
N LYS F 270 6.67 8.50 -13.08
CA LYS F 270 6.96 7.43 -12.15
C LYS F 270 8.45 7.12 -12.30
N PRO F 271 9.19 7.00 -11.21
CA PRO F 271 10.65 6.87 -11.34
C PRO F 271 11.05 5.49 -11.83
N PHE F 272 11.92 5.48 -12.85
CA PHE F 272 12.42 4.22 -13.39
C PHE F 272 13.40 3.55 -12.46
N ALA F 273 14.33 4.29 -11.89
CA ALA F 273 15.27 3.81 -10.91
C ALA F 273 15.00 4.52 -9.60
N PRO F 274 15.06 3.81 -8.47
CA PRO F 274 14.68 4.42 -7.19
C PRO F 274 15.68 5.46 -6.74
N LEU F 275 15.27 6.24 -5.74
CA LEU F 275 16.03 7.42 -5.34
C LEU F 275 17.27 7.05 -4.52
N ASN F 276 17.15 6.05 -3.66
CA ASN F 276 18.24 5.64 -2.77
C ASN F 276 18.93 4.38 -3.26
N PHE F 277 19.15 4.28 -4.57
CA PHE F 277 19.62 3.05 -5.20
C PHE F 277 21.08 2.80 -4.86
N ARG F 278 21.32 1.89 -3.93
CA ARG F 278 22.66 1.38 -3.71
C ARG F 278 23.04 0.43 -4.84
N ILE F 279 24.32 0.10 -4.90
CA ILE F 279 24.87 -0.71 -5.99
C ILE F 279 25.80 -1.75 -5.39
N ASN F 280 25.59 -3.01 -5.78
CA ASN F 280 26.42 -4.10 -5.29
C ASN F 280 26.46 -5.19 -6.36
N SER F 281 26.94 -6.37 -5.97
CA SER F 281 27.24 -7.44 -6.92
C SER F 281 26.04 -8.32 -7.23
N ARG F 282 24.82 -7.82 -7.08
CA ARG F 282 23.64 -8.61 -7.34
C ARG F 282 22.73 -7.98 -8.38
N ASN F 283 22.49 -6.67 -8.31
CA ASN F 283 21.48 -6.01 -9.12
C ASN F 283 22.08 -5.36 -10.36
N LEU F 284 23.07 -6.00 -10.97
CA LEU F 284 23.67 -5.45 -12.18
C LEU F 284 22.74 -5.53 -13.37
N SER F 285 21.75 -6.42 -13.32
CA SER F 285 20.87 -6.62 -14.47
C SER F 285 19.89 -5.46 -14.66
N ASP F 286 19.60 -4.73 -13.59
CA ASP F 286 18.70 -3.59 -13.71
C ASP F 286 19.39 -2.43 -14.40
N ILE F 287 18.59 -1.52 -14.93
CA ILE F 287 19.15 -0.32 -15.55
C ILE F 287 19.44 0.75 -14.50
N GLY F 288 19.02 0.52 -13.26
CA GLY F 288 19.27 1.48 -12.20
C GLY F 288 20.72 1.66 -11.82
N THR F 289 21.59 0.74 -12.22
CA THR F 289 23.00 0.84 -11.91
C THR F 289 23.72 1.88 -12.73
N ILE F 290 23.14 2.38 -13.82
CA ILE F 290 23.88 3.27 -14.69
C ILE F 290 23.12 4.57 -14.91
N MET F 291 22.31 4.99 -13.94
CA MET F 291 21.60 6.24 -14.09
C MET F 291 21.40 6.90 -12.74
N ARG F 292 21.45 8.23 -12.72
CA ARG F 292 21.18 9.02 -11.53
C ARG F 292 19.80 9.64 -11.63
N VAL F 293 19.15 9.77 -10.48
CA VAL F 293 17.79 10.31 -10.40
C VAL F 293 17.81 11.55 -9.53
N VAL F 294 16.91 12.49 -9.81
CA VAL F 294 16.75 13.68 -9.01
C VAL F 294 15.29 14.16 -9.11
N GLU F 295 14.68 14.42 -7.97
CA GLU F 295 13.28 14.84 -7.93
C GLU F 295 13.16 16.31 -8.28
N LEU F 296 12.16 16.65 -9.09
CA LEU F 296 11.92 18.03 -9.46
C LEU F 296 11.15 18.75 -8.35
N SER F 297 10.66 19.94 -8.68
CA SER F 297 9.93 20.75 -7.72
C SER F 297 8.45 20.39 -7.75
N PRO F 298 7.88 19.89 -6.65
CA PRO F 298 6.45 19.54 -6.66
C PRO F 298 5.55 20.76 -6.61
N LEU F 299 5.39 21.44 -7.74
CA LEU F 299 4.55 22.63 -7.80
C LEU F 299 3.14 22.27 -8.26
N LYS F 300 2.21 23.19 -8.02
CA LYS F 300 0.80 22.91 -8.20
C LYS F 300 0.37 23.11 -9.64
N GLY F 301 -0.85 22.68 -9.95
CA GLY F 301 -1.34 22.68 -11.31
C GLY F 301 -0.62 21.69 -12.19
N SER F 302 -0.17 20.57 -11.63
CA SER F 302 0.75 19.69 -12.33
C SER F 302 0.05 18.89 -13.43
N VAL F 303 -0.88 18.04 -13.03
CA VAL F 303 -1.58 17.20 -13.99
C VAL F 303 -3.01 17.68 -14.06
N SER F 304 -3.80 17.08 -14.95
CA SER F 304 -5.21 17.39 -15.02
C SER F 304 -6.07 16.17 -14.75
N TRP F 305 -5.65 15.29 -13.84
CA TRP F 305 -6.54 14.26 -13.33
C TRP F 305 -6.82 14.41 -11.84
N THR F 306 -5.96 15.07 -11.09
CA THR F 306 -6.22 15.42 -9.69
C THR F 306 -5.73 16.84 -9.45
N GLY F 307 -5.68 17.22 -8.18
CA GLY F 307 -5.23 18.54 -7.83
C GLY F 307 -3.98 18.51 -7.00
N LYS F 308 -3.75 17.39 -6.32
CA LYS F 308 -2.53 17.25 -5.53
C LYS F 308 -1.32 17.16 -6.45
N PRO F 309 -0.24 17.86 -6.16
CA PRO F 309 0.90 17.84 -7.08
C PRO F 309 1.64 16.50 -7.01
N VAL F 310 2.33 16.17 -8.11
CA VAL F 310 3.10 14.95 -8.21
C VAL F 310 4.49 15.28 -8.69
N SER F 311 5.46 14.46 -8.30
CA SER F 311 6.86 14.67 -8.64
C SER F 311 7.14 14.22 -10.06
N TYR F 312 8.34 14.50 -10.57
CA TYR F 312 8.64 14.21 -11.97
C TYR F 312 10.00 13.62 -12.32
N TYR F 313 10.94 13.45 -11.39
CA TYR F 313 12.04 12.47 -11.44
C TYR F 313 12.87 12.54 -12.72
N LEU F 314 13.60 13.65 -12.90
CA LEU F 314 14.48 13.78 -14.05
C LEU F 314 15.66 12.82 -13.92
N HIS F 315 15.85 11.98 -14.93
CA HIS F 315 16.97 11.04 -14.97
C HIS F 315 18.13 11.63 -15.75
N THR F 316 19.25 10.90 -15.75
CA THR F 316 20.37 11.18 -16.63
C THR F 316 21.15 9.89 -16.84
N ILE F 317 21.80 9.77 -17.99
CA ILE F 317 22.61 8.59 -18.28
C ILE F 317 24.07 8.96 -18.05
N ASP F 318 24.73 8.21 -17.17
CA ASP F 318 26.07 8.58 -16.74
C ASP F 318 26.77 7.27 -16.39
N ARG F 319 27.63 6.80 -17.29
CA ARG F 319 28.22 5.48 -17.18
C ARG F 319 29.47 5.43 -16.32
N THR F 320 29.71 6.42 -15.48
CA THR F 320 30.90 6.43 -14.66
C THR F 320 30.70 5.81 -13.28
N ILE F 321 29.45 5.58 -12.86
CA ILE F 321 29.22 4.95 -11.56
C ILE F 321 29.64 3.49 -11.61
N LEU F 322 29.41 2.83 -12.74
CA LEU F 322 29.86 1.45 -12.91
C LEU F 322 31.39 1.39 -12.94
N GLU F 323 32.02 2.39 -13.57
CA GLU F 323 33.49 2.43 -13.60
C GLU F 323 34.07 2.65 -12.21
N ASN F 324 33.45 3.52 -11.42
CA ASN F 324 33.94 3.78 -10.07
C ASN F 324 33.73 2.57 -9.17
N TYR F 325 32.60 1.87 -9.32
CA TYR F 325 32.37 0.69 -8.50
C TYR F 325 33.31 -0.45 -8.87
N PHE F 326 33.58 -0.63 -10.17
CA PHE F 326 34.50 -1.69 -10.56
C PHE F 326 35.95 -1.31 -10.30
N SER F 327 36.25 -0.02 -10.16
CA SER F 327 37.57 0.34 -9.68
C SER F 327 37.71 0.11 -8.19
N SER F 328 36.64 0.37 -7.43
CA SER F 328 36.72 0.26 -5.97
C SER F 328 36.30 -1.10 -5.44
N LEU F 329 36.08 -2.11 -6.31
CA LEU F 329 35.86 -3.45 -5.78
C LEU F 329 37.13 -4.00 -5.14
N LYS F 330 38.30 -3.65 -5.68
CA LYS F 330 39.56 -4.26 -5.30
C LYS F 330 40.19 -3.61 -4.07
N ASN F 331 39.78 -2.39 -3.73
CA ASN F 331 40.31 -1.71 -2.55
C ASN F 331 39.73 -2.34 -1.30
N MET G 5 53.71 -7.82 -26.90
CA MET G 5 53.73 -6.37 -27.12
C MET G 5 52.65 -5.68 -26.28
N GLN G 6 52.89 -4.40 -25.97
CA GLN G 6 51.94 -3.58 -25.25
C GLN G 6 50.91 -2.95 -26.18
N ILE G 7 49.64 -3.00 -25.77
CA ILE G 7 48.61 -2.16 -26.35
C ILE G 7 47.88 -1.41 -25.22
N PHE G 8 47.14 -0.37 -25.62
CA PHE G 8 46.35 0.45 -24.70
C PHE G 8 44.86 0.31 -24.95
N VAL G 9 44.08 0.38 -23.85
CA VAL G 9 42.61 0.40 -23.91
C VAL G 9 42.15 1.63 -23.14
N LYS G 10 41.65 2.63 -23.86
CA LYS G 10 41.21 3.89 -23.28
C LYS G 10 39.73 3.84 -22.91
N THR G 11 39.44 3.95 -21.61
CA THR G 11 38.07 3.97 -21.14
C THR G 11 37.58 5.42 -21.04
N LEU G 12 36.37 5.59 -20.52
CA LEU G 12 35.74 6.92 -20.54
C LEU G 12 36.22 7.82 -19.41
N THR G 13 36.71 7.26 -18.31
CA THR G 13 36.95 8.02 -17.08
C THR G 13 38.27 8.79 -17.10
N GLY G 14 39.10 8.64 -18.14
CA GLY G 14 40.40 9.29 -18.08
C GLY G 14 41.54 8.34 -17.82
N LYS G 15 41.24 7.09 -17.49
CA LYS G 15 42.21 6.05 -17.20
C LYS G 15 42.58 5.33 -18.49
N THR G 16 43.87 5.12 -18.70
CA THR G 16 44.38 4.25 -19.75
C THR G 16 45.04 3.04 -19.12
N ILE G 17 44.62 1.85 -19.58
CA ILE G 17 45.18 0.58 -19.15
C ILE G 17 46.02 -0.01 -20.27
N THR G 18 47.21 -0.50 -19.90
CA THR G 18 48.13 -1.13 -20.84
C THR G 18 48.33 -2.59 -20.48
N LEU G 19 48.12 -3.46 -21.47
CA LEU G 19 48.29 -4.91 -21.31
C LEU G 19 49.44 -5.34 -22.21
N GLU G 20 50.13 -6.40 -21.81
CA GLU G 20 51.12 -7.05 -22.66
C GLU G 20 50.54 -8.34 -23.23
N VAL G 21 50.50 -8.41 -24.57
CA VAL G 21 49.86 -9.49 -25.33
C VAL G 21 50.72 -9.80 -26.56
N GLU G 22 50.41 -10.92 -27.20
CA GLU G 22 50.92 -11.33 -28.49
C GLU G 22 49.77 -11.35 -29.49
N PRO G 23 50.01 -11.01 -30.76
CA PRO G 23 48.94 -11.06 -31.76
C PRO G 23 48.21 -12.41 -31.92
N SER G 24 48.83 -13.56 -31.59
CA SER G 24 48.10 -14.81 -31.73
C SER G 24 47.15 -15.17 -30.58
N ASP G 25 47.11 -14.43 -29.47
CA ASP G 25 46.14 -14.76 -28.42
C ASP G 25 44.71 -14.41 -28.83
N THR G 26 43.77 -15.21 -28.35
CA THR G 26 42.37 -14.93 -28.60
C THR G 26 41.91 -13.77 -27.73
N ILE G 27 40.80 -13.14 -28.17
CA ILE G 27 40.13 -12.08 -27.42
C ILE G 27 39.67 -12.53 -26.04
N GLU G 28 39.23 -13.78 -25.88
CA GLU G 28 38.88 -14.28 -24.54
C GLU G 28 40.04 -14.16 -23.56
N ASN G 29 41.27 -14.38 -24.03
CA ASN G 29 42.42 -14.22 -23.15
C ASN G 29 42.68 -12.75 -22.83
N VAL G 30 42.35 -11.84 -23.76
CA VAL G 30 42.49 -10.41 -23.50
C VAL G 30 41.48 -9.97 -22.46
N LYS G 31 40.24 -10.43 -22.61
CA LYS G 31 39.19 -10.14 -21.63
C LYS G 31 39.52 -10.73 -20.27
N ALA G 32 40.12 -11.92 -20.26
CA ALA G 32 40.56 -12.51 -19.00
C ALA G 32 41.67 -11.70 -18.34
N LYS G 33 42.62 -11.19 -19.14
CA LYS G 33 43.67 -10.32 -18.60
C LYS G 33 43.12 -9.01 -18.05
N ILE G 34 42.17 -8.39 -18.76
CA ILE G 34 41.55 -7.17 -18.24
C ILE G 34 40.76 -7.46 -16.96
N GLN G 35 40.07 -8.61 -16.92
CA GLN G 35 39.37 -9.05 -15.71
C GLN G 35 40.33 -9.29 -14.55
N ASP G 36 41.55 -9.74 -14.87
CA ASP G 36 42.56 -9.93 -13.85
C ASP G 36 43.03 -8.58 -13.33
N LYS G 37 43.24 -7.62 -14.22
CA LYS G 37 43.81 -6.35 -13.80
C LYS G 37 42.82 -5.44 -13.10
N GLU G 38 41.57 -5.37 -13.56
CA GLU G 38 40.60 -4.39 -13.07
C GLU G 38 39.38 -5.00 -12.38
N GLY G 39 39.16 -6.30 -12.50
CA GLY G 39 38.05 -6.97 -11.86
C GLY G 39 36.74 -6.93 -12.59
N ILE G 40 36.70 -6.40 -13.81
CA ILE G 40 35.46 -6.28 -14.59
C ILE G 40 35.15 -7.63 -15.22
N PRO G 41 33.98 -8.21 -14.96
CA PRO G 41 33.58 -9.50 -15.56
C PRO G 41 33.57 -9.45 -17.08
N PRO G 42 34.09 -10.49 -17.73
CA PRO G 42 34.15 -10.53 -19.21
C PRO G 42 32.84 -10.32 -19.96
N ASP G 43 31.70 -10.69 -19.38
CA ASP G 43 30.44 -10.62 -20.12
C ASP G 43 29.99 -9.18 -20.35
N GLN G 44 30.41 -8.26 -19.47
CA GLN G 44 30.04 -6.86 -19.57
C GLN G 44 30.91 -6.07 -20.54
N GLN G 45 31.99 -6.65 -21.04
CA GLN G 45 32.96 -5.90 -21.83
C GLN G 45 32.60 -5.93 -23.31
N ARG G 46 32.51 -4.74 -23.90
CA ARG G 46 32.30 -4.59 -25.33
C ARG G 46 33.41 -3.68 -25.85
N LEU G 47 34.37 -4.26 -26.55
CA LEU G 47 35.51 -3.53 -27.07
C LEU G 47 35.20 -3.00 -28.45
N ILE G 48 35.56 -1.75 -28.71
CA ILE G 48 35.29 -1.08 -29.97
C ILE G 48 36.57 -0.46 -30.48
N PHE G 49 36.84 -0.65 -31.78
CA PHE G 49 37.94 0.01 -32.45
C PHE G 49 37.54 0.32 -33.88
N ALA G 50 37.78 1.57 -34.30
CA ALA G 50 37.53 2.07 -35.66
C ALA G 50 36.12 1.76 -36.13
N GLY G 51 35.14 1.96 -35.24
CA GLY G 51 33.75 1.80 -35.62
C GLY G 51 33.27 0.37 -35.73
N LYS G 52 34.14 -0.62 -35.55
CA LYS G 52 33.78 -2.02 -35.65
C LYS G 52 34.09 -2.74 -34.34
N GLN G 53 33.12 -3.48 -33.84
CA GLN G 53 33.27 -4.22 -32.60
C GLN G 53 33.91 -5.57 -32.91
N LEU G 54 34.60 -6.13 -31.92
CA LEU G 54 35.29 -7.41 -32.12
C LEU G 54 34.41 -8.56 -31.67
N GLU G 55 34.53 -9.68 -32.39
CA GLU G 55 33.75 -10.89 -32.11
C GLU G 55 34.54 -11.80 -31.17
N ASP G 56 33.82 -12.69 -30.50
CA ASP G 56 34.44 -13.61 -29.54
C ASP G 56 35.36 -14.62 -30.23
N GLY G 57 34.94 -15.18 -31.36
CA GLY G 57 35.72 -16.24 -31.97
C GLY G 57 36.91 -15.79 -32.80
N ARG G 58 37.12 -14.50 -32.96
CA ARG G 58 38.24 -14.03 -33.77
C ARG G 58 39.40 -13.57 -32.89
N THR G 59 40.50 -13.20 -33.54
CA THR G 59 41.72 -12.78 -32.89
C THR G 59 42.14 -11.39 -33.35
N LEU G 60 43.05 -10.80 -32.57
CA LEU G 60 43.65 -9.50 -32.89
C LEU G 60 44.34 -9.49 -34.25
N SER G 61 44.91 -10.63 -34.66
CA SER G 61 45.58 -10.70 -35.96
C SER G 61 44.58 -10.63 -37.12
N ASP G 62 43.32 -11.01 -36.86
CA ASP G 62 42.28 -10.97 -37.89
C ASP G 62 41.91 -9.55 -38.28
N TYR G 63 42.05 -8.61 -37.35
CA TYR G 63 41.67 -7.23 -37.60
C TYR G 63 42.81 -6.30 -38.01
N ASN G 64 44.01 -6.84 -38.27
CA ASN G 64 45.20 -6.06 -38.65
C ASN G 64 45.59 -5.02 -37.61
N ILE G 65 45.46 -5.37 -36.33
CA ILE G 65 45.84 -4.47 -35.26
C ILE G 65 47.36 -4.54 -35.10
N GLN G 66 47.95 -3.42 -34.67
CA GLN G 66 49.39 -3.24 -34.70
C GLN G 66 49.92 -2.78 -33.35
N LYS G 67 51.21 -2.47 -33.31
CA LYS G 67 51.84 -1.95 -32.11
C LYS G 67 51.33 -0.55 -31.80
N GLU G 68 51.26 -0.24 -30.50
CA GLU G 68 50.86 1.05 -29.95
C GLU G 68 49.47 1.49 -30.41
N SER G 69 48.55 0.53 -30.56
CA SER G 69 47.17 0.87 -30.88
C SER G 69 46.44 1.38 -29.65
N THR G 70 45.43 2.20 -29.88
CA THR G 70 44.53 2.67 -28.83
C THR G 70 43.14 2.11 -29.05
N LEU G 71 42.63 1.39 -28.07
CA LEU G 71 41.32 0.78 -28.12
C LEU G 71 40.38 1.51 -27.16
N HIS G 72 39.09 1.47 -27.48
CA HIS G 72 38.06 2.10 -26.66
C HIS G 72 37.22 1.03 -25.99
N LEU G 73 37.00 1.18 -24.68
CA LEU G 73 36.17 0.28 -23.89
C LEU G 73 34.91 1.00 -23.45
N VAL G 74 33.76 0.36 -23.64
CA VAL G 74 32.49 0.81 -23.10
C VAL G 74 31.88 -0.31 -22.28
N LEU G 75 31.06 0.04 -21.30
CA LEU G 75 30.43 -0.92 -20.40
C LEU G 75 29.00 -1.19 -20.83
N ARG G 76 28.61 -2.44 -20.82
CA ARG G 76 27.25 -2.85 -21.14
C ARG G 76 26.70 -3.72 -20.00
N LEU G 77 25.38 -3.79 -19.91
CA LEU G 77 24.69 -4.50 -18.84
C LEU G 77 24.84 -6.01 -18.99
N ARG G 78 24.52 -6.74 -17.93
CA ARG G 78 24.51 -8.19 -17.94
C ARG G 78 23.20 -8.70 -18.51
N GLY G 79 23.16 -9.99 -18.81
CA GLY G 79 21.96 -10.62 -19.33
C GLY G 79 21.60 -11.91 -18.60
N LYS H 37 -32.78 38.01 33.08
CA LYS H 37 -34.20 37.70 32.90
C LYS H 37 -34.50 36.88 31.61
N PRO H 38 -33.79 37.08 30.49
CA PRO H 38 -33.79 36.02 29.47
C PRO H 38 -33.15 34.75 30.01
N HIS H 39 -33.84 33.63 29.82
CA HIS H 39 -33.42 32.38 30.41
C HIS H 39 -32.20 31.84 29.67
N ARG H 40 -31.23 31.34 30.43
CA ARG H 40 -29.97 30.88 29.87
C ARG H 40 -29.39 29.84 30.81
N TYR H 41 -29.01 28.68 30.27
CA TYR H 41 -28.49 27.60 31.07
C TYR H 41 -27.08 27.91 31.57
N ARG H 42 -26.60 27.07 32.48
CA ARG H 42 -25.21 27.17 32.89
C ARG H 42 -24.33 26.59 31.78
N PRO H 43 -23.26 27.28 31.39
CA PRO H 43 -22.36 26.75 30.36
C PRO H 43 -21.67 25.49 30.85
N GLY H 44 -22.03 24.38 30.24
CA GLY H 44 -21.62 23.08 30.70
C GLY H 44 -22.76 22.13 31.03
N THR H 45 -23.97 22.37 30.53
CA THR H 45 -25.07 21.43 30.71
C THR H 45 -25.89 21.18 29.46
N VAL H 46 -25.69 21.91 28.36
CA VAL H 46 -26.32 21.54 27.11
C VAL H 46 -25.61 20.32 26.53
N ALA H 47 -24.32 20.20 26.81
CA ALA H 47 -23.54 19.06 26.34
C ALA H 47 -24.03 17.76 26.98
N LEU H 48 -24.36 17.78 28.27
CA LEU H 48 -24.88 16.57 28.90
C LEU H 48 -26.34 16.31 28.58
N ARG H 49 -26.96 17.14 27.74
CA ARG H 49 -28.18 16.79 27.06
C ARG H 49 -27.88 16.16 25.71
N GLU H 50 -26.92 16.73 24.98
CA GLU H 50 -26.59 16.22 23.65
C GLU H 50 -25.96 14.84 23.70
N ILE H 51 -25.27 14.50 24.79
CA ILE H 51 -24.68 13.17 24.93
C ILE H 51 -25.77 12.10 24.91
N ARG H 52 -26.80 12.29 25.72
CA ARG H 52 -27.88 11.30 25.74
C ARG H 52 -28.70 11.37 24.46
N ARG H 53 -28.88 12.57 23.90
CA ARG H 53 -29.71 12.69 22.71
C ARG H 53 -29.07 12.05 21.48
N TYR H 54 -27.73 12.04 21.41
CA TYR H 54 -27.09 11.36 20.29
C TYR H 54 -26.71 9.92 20.58
N GLN H 55 -26.53 9.53 21.84
CA GLN H 55 -26.31 8.13 22.15
C GLN H 55 -27.57 7.30 22.03
N LYS H 56 -28.74 7.90 22.25
CA LYS H 56 -29.97 7.14 22.10
C LYS H 56 -30.25 6.82 20.63
N SER H 57 -30.04 7.79 19.75
CA SER H 57 -30.39 7.64 18.35
C SER H 57 -29.35 6.78 17.63
N THR H 58 -29.66 6.45 16.37
CA THR H 58 -28.77 5.64 15.57
C THR H 58 -28.70 6.10 14.12
N GLU H 59 -29.11 7.33 13.85
CA GLU H 59 -29.06 7.88 12.49
C GLU H 59 -27.61 8.12 12.08
N LEU H 60 -27.41 8.39 10.80
CA LEU H 60 -26.10 8.78 10.32
C LEU H 60 -25.85 10.24 10.69
N LEU H 61 -24.59 10.53 11.01
CA LEU H 61 -24.24 11.81 11.62
C LEU H 61 -23.59 12.79 10.64
N ILE H 62 -22.62 12.33 9.87
CA ILE H 62 -21.98 13.21 8.90
C ILE H 62 -22.92 13.37 7.70
N ARG H 63 -22.91 14.56 7.11
CA ARG H 63 -23.77 14.84 5.97
C ARG H 63 -23.37 13.96 4.78
N LYS H 64 -24.38 13.49 4.05
CA LYS H 64 -24.17 12.43 3.07
C LYS H 64 -23.42 12.93 1.84
N LEU H 65 -23.96 13.95 1.18
CA LEU H 65 -23.45 14.32 -0.14
C LEU H 65 -22.07 14.98 -0.12
N PRO H 66 -21.70 15.81 0.88
CA PRO H 66 -20.27 16.18 0.97
C PRO H 66 -19.36 15.01 1.25
N PHE H 67 -19.82 14.00 1.98
CA PHE H 67 -19.00 12.82 2.16
C PHE H 67 -18.82 12.04 0.87
N GLN H 68 -19.86 12.00 0.02
CA GLN H 68 -19.70 11.33 -1.26
C GLN H 68 -18.77 12.10 -2.18
N ARG H 69 -18.81 13.43 -2.13
CA ARG H 69 -17.86 14.19 -2.93
C ARG H 69 -16.43 14.03 -2.42
N LEU H 70 -16.25 13.87 -1.11
CA LEU H 70 -14.91 13.58 -0.58
C LEU H 70 -14.42 12.21 -1.04
N VAL H 71 -15.29 11.19 -1.00
CA VAL H 71 -14.81 9.86 -1.33
C VAL H 71 -14.67 9.71 -2.84
N ARG H 72 -15.28 10.60 -3.63
CA ARG H 72 -14.92 10.62 -5.04
C ARG H 72 -13.65 11.40 -5.29
N GLU H 73 -13.32 12.35 -4.41
CA GLU H 73 -12.06 13.08 -4.60
C GLU H 73 -10.85 12.25 -4.20
N ILE H 74 -10.99 11.36 -3.21
CA ILE H 74 -9.84 10.54 -2.82
C ILE H 74 -9.53 9.52 -3.91
N ALA H 75 -10.56 8.92 -4.49
CA ALA H 75 -10.37 8.03 -5.62
C ALA H 75 -10.27 8.75 -6.95
N GLN H 76 -10.07 10.06 -6.95
CA GLN H 76 -9.78 10.77 -8.19
C GLN H 76 -8.38 10.48 -8.69
N ASP H 77 -7.51 9.94 -7.84
CA ASP H 77 -6.23 9.39 -8.26
C ASP H 77 -6.45 8.07 -8.99
N PHE H 78 -5.33 7.41 -9.33
CA PHE H 78 -5.24 6.21 -10.18
C PHE H 78 -5.82 6.45 -11.59
N NLE H 79 -5.86 7.71 -12.00
CA NLE H 79 -6.21 8.18 -13.34
C NLE H 79 -7.50 7.68 -14.01
O NLE H 79 -8.28 8.50 -14.48
CB NLE H 79 -5.04 7.90 -14.28
CG NLE H 79 -3.92 8.89 -14.09
CD NLE H 79 -2.90 8.81 -15.20
CE NLE H 79 -3.53 9.09 -16.55
N THR H 80 -7.70 6.37 -14.07
CA THR H 80 -8.91 5.81 -14.63
C THR H 80 -10.12 6.20 -13.82
N ASP H 81 -11.15 6.71 -14.48
CA ASP H 81 -12.33 7.17 -13.77
C ASP H 81 -13.07 6.00 -13.13
N LEU H 82 -13.66 6.22 -11.98
CA LEU H 82 -14.32 5.16 -11.25
C LEU H 82 -15.82 5.41 -11.21
N ARG H 83 -16.54 4.51 -10.57
CA ARG H 83 -17.99 4.62 -10.73
C ARG H 83 -18.77 4.66 -9.43
N PHE H 84 -18.37 3.92 -8.40
CA PHE H 84 -18.88 4.04 -7.03
C PHE H 84 -20.40 3.82 -6.95
N GLN H 85 -20.77 2.56 -7.14
CA GLN H 85 -22.13 2.09 -6.85
C GLN H 85 -22.52 2.45 -5.42
N SER H 86 -23.73 3.00 -5.25
CA SER H 86 -24.03 3.85 -4.10
C SER H 86 -24.07 3.08 -2.78
N SER H 87 -24.37 1.78 -2.83
CA SER H 87 -24.32 0.97 -1.63
C SER H 87 -22.91 0.89 -1.06
N ALA H 88 -21.89 0.93 -1.92
CA ALA H 88 -20.52 0.97 -1.44
C ALA H 88 -20.20 2.30 -0.77
N VAL H 89 -20.76 3.41 -1.27
CA VAL H 89 -20.52 4.71 -0.66
C VAL H 89 -21.14 4.75 0.73
N NLE H 90 -22.36 4.23 0.88
CA NLE H 90 -22.93 4.19 2.23
C NLE H 90 -22.22 3.21 3.18
O NLE H 90 -22.12 3.49 4.38
CB NLE H 90 -24.42 3.85 2.16
CG NLE H 90 -25.30 5.05 1.91
CD NLE H 90 -26.76 4.66 1.95
CE NLE H 90 -27.65 5.83 1.57
N ALA H 91 -21.72 2.10 2.65
CA ALA H 91 -20.95 1.17 3.48
C ALA H 91 -19.64 1.81 3.95
N LEU H 92 -19.02 2.55 3.04
CA LEU H 92 -17.80 3.26 3.40
C LEU H 92 -18.07 4.38 4.38
N GLN H 93 -19.26 4.98 4.32
CA GLN H 93 -19.60 6.00 5.31
C GLN H 93 -19.84 5.40 6.68
N GLU H 94 -20.45 4.23 6.75
CA GLU H 94 -20.64 3.58 8.04
C GLU H 94 -19.31 3.15 8.64
N ALA H 95 -18.38 2.68 7.81
CA ALA H 95 -17.07 2.31 8.34
C ALA H 95 -16.26 3.52 8.74
N SER H 96 -16.29 4.59 7.95
CA SER H 96 -15.53 5.79 8.28
C SER H 96 -16.19 6.65 9.35
N GLU H 97 -17.41 6.32 9.75
CA GLU H 97 -17.98 6.93 10.95
C GLU H 97 -17.72 6.08 12.18
N ALA H 98 -17.72 4.76 12.03
CA ALA H 98 -17.45 3.93 13.20
C ALA H 98 -15.97 3.79 13.51
N TYR H 99 -15.10 4.60 12.92
CA TYR H 99 -13.70 4.64 13.30
C TYR H 99 -13.37 5.90 14.07
N LEU H 100 -14.05 7.02 13.79
CA LEU H 100 -13.82 8.22 14.56
C LEU H 100 -14.45 8.14 15.94
N VAL H 101 -15.54 7.39 16.07
CA VAL H 101 -16.26 7.33 17.34
C VAL H 101 -15.46 6.58 18.39
N ALA H 102 -14.84 5.46 18.00
CA ALA H 102 -13.97 4.75 18.93
C ALA H 102 -12.73 5.56 19.26
N LEU H 103 -12.22 6.34 18.30
CA LEU H 103 -11.07 7.19 18.56
C LEU H 103 -11.40 8.27 19.59
N PHE H 104 -12.57 8.90 19.47
CA PHE H 104 -12.93 9.90 20.46
C PHE H 104 -13.28 9.28 21.80
N GLU H 105 -13.90 8.09 21.80
CA GLU H 105 -14.21 7.42 23.06
C GLU H 105 -12.95 6.91 23.75
N ASP H 106 -11.85 6.78 23.03
CA ASP H 106 -10.59 6.45 23.68
C ASP H 106 -9.80 7.70 24.08
N THR H 107 -9.87 8.75 23.27
CA THR H 107 -9.15 9.96 23.64
C THR H 107 -9.84 10.69 24.79
N ASN H 108 -11.11 10.37 25.07
CA ASN H 108 -11.74 10.90 26.29
C ASN H 108 -11.12 10.28 27.52
N LEU H 109 -10.82 8.98 27.48
CA LEU H 109 -10.10 8.35 28.58
C LEU H 109 -8.71 8.94 28.73
N CYS H 110 -8.02 9.13 27.61
CA CYS H 110 -6.68 9.73 27.68
C CYS H 110 -6.72 11.18 28.18
N ALA H 111 -7.81 11.89 27.96
CA ALA H 111 -7.87 13.26 28.48
C ALA H 111 -8.31 13.30 29.93
N ILE H 112 -9.15 12.36 30.36
CA ILE H 112 -9.55 12.33 31.77
C ILE H 112 -8.39 11.90 32.64
N HIS H 113 -7.48 11.09 32.09
CA HIS H 113 -6.32 10.62 32.85
C HIS H 113 -5.37 11.73 33.28
N ALA H 114 -5.33 12.85 32.57
CA ALA H 114 -4.45 13.96 32.92
C ALA H 114 -5.12 14.96 33.86
N LYS H 115 -6.16 14.53 34.57
CA LYS H 115 -6.93 15.35 35.52
C LYS H 115 -7.51 16.60 34.87
N ARG H 116 -7.81 16.54 33.58
CA ARG H 116 -8.51 17.59 32.87
C ARG H 116 -9.87 17.05 32.42
N VAL H 117 -10.66 17.93 31.85
CA VAL H 117 -12.02 17.59 31.43
C VAL H 117 -12.16 17.62 29.91
N THR H 118 -11.63 18.66 29.27
CA THR H 118 -11.70 18.72 27.82
C THR H 118 -10.63 17.84 27.20
N ILE H 119 -10.70 17.68 25.88
CA ILE H 119 -9.66 16.96 25.14
C ILE H 119 -8.83 17.95 24.36
N NLE H 120 -7.73 17.50 23.77
CA NLE H 120 -6.76 18.36 23.10
C NLE H 120 -5.85 17.49 22.22
O NLE H 120 -5.69 16.32 22.52
CB NLE H 120 -5.95 19.13 24.15
CG NLE H 120 -6.27 20.61 24.16
CD NLE H 120 -5.38 21.38 25.12
CE NLE H 120 -5.64 22.86 25.02
N PRO H 121 -5.27 18.06 21.11
CA PRO H 121 -4.47 17.32 20.12
C PRO H 121 -3.40 16.36 20.63
N LYS H 122 -2.76 16.69 21.76
CA LYS H 122 -1.80 15.77 22.36
C LYS H 122 -2.46 14.66 23.17
N ASP H 123 -3.78 14.46 23.03
CA ASP H 123 -4.43 13.25 23.47
C ASP H 123 -4.78 12.33 22.31
N ILE H 124 -5.24 12.90 21.19
CA ILE H 124 -5.45 12.12 19.99
C ILE H 124 -4.13 11.55 19.49
N GLN H 125 -3.06 12.35 19.54
CA GLN H 125 -1.75 11.83 19.13
C GLN H 125 -1.16 10.86 20.14
N LEU H 126 -1.74 10.73 21.34
CA LEU H 126 -1.35 9.66 22.23
C LEU H 126 -2.14 8.39 21.97
N ALA H 127 -3.45 8.54 21.70
CA ALA H 127 -4.29 7.37 21.48
C ALA H 127 -3.93 6.68 20.18
N ARG H 128 -3.58 7.45 19.15
CA ARG H 128 -3.19 6.83 17.89
C ARG H 128 -1.83 6.15 17.95
N ARG H 129 -0.97 6.56 18.89
CA ARG H 129 0.33 5.90 19.01
C ARG H 129 0.24 4.66 19.90
N ILE H 130 -0.59 4.72 20.94
CA ILE H 130 -0.77 3.55 21.80
C ILE H 130 -1.57 2.47 21.06
N ARG H 131 -2.47 2.89 20.18
CA ARG H 131 -3.30 1.93 19.44
C ARG H 131 -2.46 1.07 18.49
N GLY H 132 -1.34 1.60 18.01
CA GLY H 132 -0.43 0.80 17.20
C GLY H 132 -0.29 1.24 15.76
N GLU H 133 -0.38 2.54 15.50
CA GLU H 133 -0.21 3.04 14.15
C GLU H 133 1.00 3.97 14.05
N PRO I 38 31.46 8.36 52.56
CA PRO I 38 31.96 7.93 51.25
C PRO I 38 31.35 8.71 50.10
N HIS I 39 31.50 8.20 48.89
CA HIS I 39 30.88 8.82 47.73
C HIS I 39 29.50 8.24 47.50
N ARG I 40 28.53 9.11 47.26
CA ARG I 40 27.16 8.68 47.04
C ARG I 40 26.55 9.50 45.91
N TYR I 41 26.02 8.81 44.90
CA TYR I 41 25.45 9.47 43.74
C TYR I 41 24.13 10.15 44.10
N ARG I 42 23.72 11.09 43.25
CA ARG I 42 22.40 11.69 43.43
C ARG I 42 21.32 10.69 43.08
N PRO I 43 20.20 10.67 43.79
CA PRO I 43 19.10 9.76 43.43
C PRO I 43 18.51 10.13 42.08
N GLY I 44 18.52 9.16 41.17
CA GLY I 44 18.12 9.36 39.81
C GLY I 44 19.24 9.40 38.79
N THR I 45 20.33 8.68 39.01
CA THR I 45 21.43 8.62 38.04
C THR I 45 21.88 7.19 37.80
N VAL I 46 21.73 6.30 38.78
CA VAL I 46 22.01 4.89 38.56
C VAL I 46 20.97 4.29 37.62
N ALA I 47 19.74 4.82 37.67
CA ALA I 47 18.70 4.37 36.75
C ALA I 47 19.03 4.73 35.30
N LEU I 48 19.53 5.94 35.06
CA LEU I 48 19.88 6.33 33.71
C LEU I 48 21.19 5.72 33.23
N ARG I 49 21.85 4.89 34.03
CA ARG I 49 22.91 4.04 33.53
C ARG I 49 22.41 2.61 33.34
N GLU I 50 21.45 2.20 34.16
CA GLU I 50 20.82 0.89 33.96
C GLU I 50 20.01 0.84 32.67
N ILE I 51 19.47 2.00 32.24
CA ILE I 51 18.80 2.11 30.94
C ILE I 51 19.74 1.69 29.82
N ARG I 52 20.92 2.28 29.79
CA ARG I 52 21.87 1.97 28.71
C ARG I 52 22.42 0.56 28.86
N ARG I 53 22.68 0.12 30.08
CA ARG I 53 23.25 -1.21 30.28
C ARG I 53 22.28 -2.33 29.93
N TYR I 54 20.97 -2.13 30.11
CA TYR I 54 20.03 -3.16 29.72
C TYR I 54 19.47 -2.97 28.32
N GLN I 55 19.64 -1.80 27.71
CA GLN I 55 19.24 -1.67 26.31
C GLN I 55 20.35 -2.13 25.37
N LYS I 56 21.60 -2.05 25.79
CA LYS I 56 22.67 -2.50 24.91
C LYS I 56 22.73 -4.02 24.85
N SER I 57 22.32 -4.69 25.92
CA SER I 57 22.45 -6.13 26.00
C SER I 57 21.26 -6.82 25.35
N THR I 58 21.32 -8.15 25.29
CA THR I 58 20.27 -8.93 24.66
C THR I 58 19.97 -10.22 25.42
N GLU I 59 20.40 -10.35 26.66
CA GLU I 59 20.17 -11.57 27.42
C GLU I 59 18.72 -11.68 27.85
N LEU I 60 18.42 -12.80 28.50
CA LEU I 60 17.13 -12.94 29.17
C LEU I 60 17.22 -12.31 30.55
N LEU I 61 16.07 -11.94 31.10
CA LEU I 61 16.03 -11.16 32.33
C LEU I 61 15.46 -11.93 33.51
N ILE I 62 14.31 -12.55 33.35
CA ILE I 62 13.72 -13.34 34.42
C ILE I 62 14.52 -14.63 34.58
N ARG I 63 14.88 -14.96 35.82
CA ARG I 63 15.63 -16.18 36.09
C ARG I 63 14.82 -17.41 35.71
N LYS I 64 15.52 -18.48 35.33
CA LYS I 64 14.89 -19.57 34.58
C LYS I 64 14.02 -20.45 35.47
N LEU I 65 14.60 -21.07 36.49
CA LEU I 65 13.88 -22.03 37.32
C LEU I 65 12.67 -21.50 38.10
N PRO I 66 12.54 -20.19 38.42
CA PRO I 66 11.21 -19.71 38.80
C PRO I 66 10.23 -19.71 37.65
N PHE I 67 10.67 -19.35 36.44
CA PHE I 67 9.75 -19.25 35.32
C PHE I 67 9.24 -20.61 34.88
N GLN I 68 10.11 -21.62 34.89
CA GLN I 68 9.68 -22.96 34.52
C GLN I 68 8.73 -23.53 35.55
N ARG I 69 8.93 -23.21 36.82
CA ARG I 69 7.97 -23.67 37.83
C ARG I 69 6.65 -22.93 37.71
N LEU I 70 6.67 -21.66 37.30
CA LEU I 70 5.42 -20.94 37.05
C LEU I 70 4.64 -21.56 35.91
N VAL I 71 5.34 -21.93 34.82
CA VAL I 71 4.66 -22.52 33.67
C VAL I 71 4.14 -23.91 34.01
N ARG I 72 4.92 -24.70 34.75
CA ARG I 72 4.45 -26.03 35.14
C ARG I 72 3.29 -25.96 36.13
N GLU I 73 3.23 -24.92 36.96
CA GLU I 73 2.14 -24.84 37.92
C GLU I 73 0.86 -24.33 37.27
N ILE I 74 0.99 -23.43 36.28
CA ILE I 74 -0.22 -22.90 35.67
C ILE I 74 -0.81 -23.90 34.66
N ALA I 75 -0.05 -24.93 34.30
CA ALA I 75 -0.57 -25.89 33.34
C ALA I 75 -1.20 -27.08 34.05
N GLN I 76 -1.13 -27.09 35.37
CA GLN I 76 -1.79 -28.14 36.14
C GLN I 76 -3.31 -27.95 36.20
N ASP I 77 -3.81 -26.79 35.80
CA ASP I 77 -5.24 -26.56 35.83
C ASP I 77 -5.96 -27.25 34.68
N PHE I 78 -5.23 -27.65 33.65
CA PHE I 78 -5.86 -28.26 32.49
C PHE I 78 -5.66 -29.77 32.52
N NLE I 79 -5.25 -30.37 31.40
CA NLE I 79 -5.06 -31.80 31.39
C NLE I 79 -3.82 -32.19 32.19
O NLE I 79 -2.83 -31.47 32.22
CB NLE I 79 -5.07 -32.38 29.97
CG NLE I 79 -3.73 -32.48 29.27
CD NLE I 79 -3.86 -33.14 27.91
CE NLE I 79 -4.46 -34.53 28.00
N THR I 80 -3.91 -33.32 32.89
CA THR I 80 -2.97 -33.62 33.97
C THR I 80 -1.72 -34.30 33.43
N ASP I 81 -0.58 -34.05 34.09
CA ASP I 81 0.74 -34.64 33.80
C ASP I 81 1.24 -34.27 32.40
N LEU I 82 1.51 -32.97 32.22
CA LEU I 82 2.20 -32.49 31.04
C LEU I 82 3.71 -32.67 31.20
N ARG I 83 4.44 -32.36 30.14
CA ARG I 83 5.88 -32.64 30.17
C ARG I 83 6.76 -31.46 29.81
N PHE I 84 6.37 -30.64 28.83
CA PHE I 84 7.03 -29.36 28.50
C PHE I 84 8.50 -29.54 28.12
N GLN I 85 8.69 -30.08 26.92
CA GLN I 85 9.96 -30.03 26.18
C GLN I 85 10.57 -28.64 26.23
N SER I 86 11.90 -28.58 26.42
CA SER I 86 12.56 -27.40 26.98
C SER I 86 12.55 -26.23 26.01
N SER I 87 12.60 -26.49 24.71
CA SER I 87 12.61 -25.40 23.74
C SER I 87 11.29 -24.65 23.74
N ALA I 88 10.19 -25.32 24.08
CA ALA I 88 8.92 -24.63 24.24
C ALA I 88 8.94 -23.70 25.43
N VAL I 89 9.60 -24.09 26.51
CA VAL I 89 9.71 -23.26 27.71
C VAL I 89 10.53 -22.02 27.40
N NLE I 90 11.65 -22.19 26.69
CA NLE I 90 12.45 -21.03 26.31
C NLE I 90 11.72 -20.08 25.33
O NLE I 90 11.83 -18.86 25.46
CB NLE I 90 13.77 -21.47 25.70
CG NLE I 90 14.92 -21.51 26.68
CD NLE I 90 16.22 -21.81 25.96
CE NLE I 90 17.36 -21.96 26.94
N ALA I 91 10.96 -20.64 24.40
CA ALA I 91 10.18 -19.84 23.47
C ALA I 91 9.11 -19.04 24.21
N LEU I 92 8.48 -19.72 25.17
CA LEU I 92 7.44 -19.08 25.97
C LEU I 92 8.02 -17.97 26.83
N GLN I 93 9.27 -18.15 27.30
CA GLN I 93 9.93 -17.10 28.06
C GLN I 93 10.25 -15.89 27.20
N GLU I 94 10.68 -16.13 25.96
CA GLU I 94 10.97 -14.99 25.07
C GLU I 94 9.70 -14.23 24.73
N ALA I 95 8.59 -14.94 24.57
CA ALA I 95 7.32 -14.27 24.33
C ALA I 95 6.87 -13.49 25.56
N SER I 96 7.01 -14.07 26.74
CA SER I 96 6.62 -13.41 27.97
C SER I 96 7.49 -12.21 28.30
N GLU I 97 8.72 -12.15 27.81
CA GLU I 97 9.50 -10.92 27.97
C GLU I 97 9.11 -9.87 26.95
N ALA I 98 8.90 -10.27 25.69
CA ALA I 98 8.54 -9.32 24.67
C ALA I 98 7.13 -8.77 24.84
N TYR I 99 6.30 -9.39 25.66
CA TYR I 99 5.04 -8.76 26.03
C TYR I 99 5.25 -7.64 27.03
N LEU I 100 5.95 -7.92 28.14
CA LEU I 100 6.07 -6.94 29.21
C LEU I 100 6.95 -5.75 28.82
N VAL I 101 7.94 -5.95 27.95
CA VAL I 101 8.76 -4.81 27.53
C VAL I 101 7.93 -3.82 26.74
N ALA I 102 7.10 -4.30 25.83
CA ALA I 102 6.22 -3.42 25.07
C ALA I 102 5.16 -2.77 25.96
N LEU I 103 4.65 -3.51 26.94
CA LEU I 103 3.64 -2.93 27.83
C LEU I 103 4.23 -1.82 28.69
N PHE I 104 5.45 -2.02 29.20
CA PHE I 104 6.08 -0.97 30.01
C PHE I 104 6.48 0.21 29.16
N GLU I 105 6.98 -0.03 27.94
CA GLU I 105 7.33 1.09 27.06
C GLU I 105 6.11 1.87 26.59
N ASP I 106 4.92 1.27 26.58
CA ASP I 106 3.72 2.04 26.32
C ASP I 106 3.22 2.77 27.55
N THR I 107 3.26 2.14 28.72
CA THR I 107 2.73 2.80 29.91
C THR I 107 3.66 3.92 30.38
N ASN I 108 4.92 3.92 29.95
CA ASN I 108 5.77 5.06 30.25
C ASN I 108 5.35 6.30 29.48
N LEU I 109 4.99 6.14 28.19
CA LEU I 109 4.39 7.24 27.45
C LEU I 109 3.09 7.71 28.09
N CYS I 110 2.27 6.75 28.50
CA CYS I 110 0.97 7.13 29.05
C CYS I 110 1.10 7.76 30.43
N ALA I 111 2.23 7.56 31.10
CA ALA I 111 2.45 8.26 32.36
C ALA I 111 3.16 9.59 32.17
N ILE I 112 3.99 9.72 31.13
CA ILE I 112 4.60 11.02 30.82
C ILE I 112 3.53 12.01 30.38
N HIS I 113 2.45 11.51 29.76
CA HIS I 113 1.36 12.38 29.33
C HIS I 113 0.69 13.15 30.48
N ALA I 114 0.74 12.63 31.70
CA ALA I 114 0.10 13.30 32.84
C ALA I 114 1.02 14.29 33.54
N LYS I 115 2.12 14.67 32.89
CA LYS I 115 3.17 15.55 33.46
C LYS I 115 3.74 15.01 34.76
N ARG I 116 3.80 13.68 34.89
CA ARG I 116 4.48 13.01 35.97
C ARG I 116 5.66 12.26 35.38
N VAL I 117 6.54 11.74 36.23
CA VAL I 117 7.73 11.05 35.79
C VAL I 117 7.67 9.57 36.07
N THR I 118 7.25 9.18 37.27
CA THR I 118 7.14 7.77 37.59
C THR I 118 5.87 7.19 36.98
N ILE I 119 5.72 5.87 37.08
CA ILE I 119 4.51 5.20 36.62
C ILE I 119 3.69 4.78 37.82
N NLE I 120 2.47 4.30 37.58
CA NLE I 120 1.51 3.99 38.63
C NLE I 120 0.40 3.09 38.06
O NLE I 120 0.18 3.15 36.87
CB NLE I 120 0.93 5.28 39.22
CG NLE I 120 1.39 5.56 40.63
CD NLE I 120 0.70 6.78 41.20
CE NLE I 120 1.08 6.99 42.66
N PRO I 121 -0.28 2.27 38.89
CA PRO I 121 -1.35 1.36 38.49
C PRO I 121 -2.45 1.94 37.61
N LYS I 122 -2.77 3.22 37.77
CA LYS I 122 -3.72 3.84 36.86
C LYS I 122 -3.06 4.34 35.57
N ASP I 123 -1.90 3.80 35.21
CA ASP I 123 -1.37 3.93 33.86
C ASP I 123 -1.32 2.59 33.14
N ILE I 124 -0.94 1.51 33.82
CA ILE I 124 -1.09 0.17 33.25
C ILE I 124 -2.57 -0.14 33.02
N GLN I 125 -3.43 0.20 33.97
CA GLN I 125 -4.86 -0.05 33.77
C GLN I 125 -5.52 0.92 32.80
N LEU I 126 -4.76 1.84 32.18
CA LEU I 126 -5.24 2.61 31.05
C LEU I 126 -4.66 2.11 29.74
N ALA I 127 -3.38 1.76 29.73
CA ALA I 127 -2.77 1.28 28.50
C ALA I 127 -3.31 -0.08 28.10
N ARG I 128 -3.57 -0.95 29.08
CA ARG I 128 -4.15 -2.25 28.74
C ARG I 128 -5.61 -2.16 28.35
N ARG I 129 -6.27 -1.02 28.58
CA ARG I 129 -7.64 -0.87 28.09
C ARG I 129 -7.68 -0.20 26.73
N ILE I 130 -6.74 0.72 26.47
CA ILE I 130 -6.67 1.33 25.14
C ILE I 130 -6.22 0.30 24.11
N ARG I 131 -5.33 -0.62 24.52
CA ARG I 131 -4.87 -1.66 23.60
C ARG I 131 -5.98 -2.62 23.19
N GLY I 132 -6.99 -2.81 24.04
CA GLY I 132 -8.18 -3.53 23.65
C GLY I 132 -8.28 -4.94 24.18
N GLU I 133 -7.77 -5.16 25.39
CA GLU I 133 -7.80 -6.49 25.99
C GLU I 133 -8.69 -6.60 27.22
N ARG I 134 -9.46 -5.57 27.56
CA ARG I 134 -10.29 -5.59 28.75
C ARG I 134 -11.43 -4.58 28.65
N ARG J 30 -28.99 -16.62 -9.63
CA ARG J 30 -29.78 -17.22 -8.57
C ARG J 30 -28.93 -17.42 -7.32
N LYS J 31 -28.72 -16.34 -6.56
CA LYS J 31 -27.82 -16.36 -5.42
C LYS J 31 -28.49 -16.99 -4.22
N GLU J 32 -27.66 -17.45 -3.29
CA GLU J 32 -28.14 -18.13 -2.08
C GLU J 32 -28.19 -17.19 -0.91
N SER J 33 -28.77 -17.68 0.19
CA SER J 33 -28.81 -16.96 1.45
C SER J 33 -29.02 -17.96 2.58
N TYR J 34 -28.93 -17.47 3.81
CA TYR J 34 -29.36 -18.22 4.98
C TYR J 34 -30.61 -17.62 5.62
N ALA J 35 -31.52 -17.09 4.81
CA ALA J 35 -32.66 -16.37 5.36
C ALA J 35 -33.66 -17.33 6.00
N ILE J 36 -34.12 -18.33 5.24
CA ILE J 36 -35.27 -19.13 5.63
C ILE J 36 -34.98 -20.00 6.85
N TYR J 37 -33.73 -20.41 7.06
CA TYR J 37 -33.44 -21.22 8.24
C TYR J 37 -33.32 -20.37 9.49
N VAL J 38 -32.80 -19.15 9.37
CA VAL J 38 -32.81 -18.22 10.50
C VAL J 38 -34.25 -17.87 10.88
N TYR J 39 -35.11 -17.70 9.87
CA TYR J 39 -36.53 -17.45 10.12
C TYR J 39 -37.19 -18.67 10.76
N LYS J 40 -36.72 -19.86 10.44
CA LYS J 40 -37.26 -21.06 11.07
C LYS J 40 -36.79 -21.19 12.52
N VAL J 41 -35.54 -20.83 12.81
CA VAL J 41 -35.04 -20.99 14.18
C VAL J 41 -35.50 -19.84 15.07
N LEU J 42 -35.99 -18.75 14.50
CA LEU J 42 -36.50 -17.67 15.33
C LEU J 42 -37.78 -18.07 16.05
N LYS J 43 -38.63 -18.86 15.37
CA LYS J 43 -39.94 -19.22 15.92
C LYS J 43 -39.85 -20.16 17.11
N GLN J 44 -38.70 -20.80 17.35
CA GLN J 44 -38.57 -21.67 18.51
C GLN J 44 -38.21 -20.91 19.77
N VAL J 45 -38.11 -19.59 19.71
CA VAL J 45 -37.79 -18.77 20.88
C VAL J 45 -38.85 -17.72 21.13
N HIS J 46 -39.15 -16.90 20.12
CA HIS J 46 -40.08 -15.79 20.28
C HIS J 46 -41.21 -15.92 19.26
N PRO J 47 -42.27 -16.68 19.56
CA PRO J 47 -43.20 -17.10 18.51
C PRO J 47 -44.13 -16.01 17.99
N ASP J 48 -43.91 -14.73 18.31
CA ASP J 48 -44.81 -13.70 17.81
C ASP J 48 -44.05 -12.45 17.39
N THR J 49 -42.77 -12.60 17.04
CA THR J 49 -41.98 -11.46 16.56
C THR J 49 -41.26 -11.84 15.28
N GLY J 50 -41.34 -10.97 14.28
CA GLY J 50 -40.57 -11.11 13.08
C GLY J 50 -39.43 -10.11 13.03
N ILE J 51 -38.50 -10.35 12.11
CA ILE J 51 -37.31 -9.50 11.98
C ILE J 51 -37.33 -8.80 10.63
N SER J 52 -36.72 -7.63 10.60
CA SER J 52 -36.72 -6.82 9.39
C SER J 52 -35.71 -7.35 8.39
N SER J 53 -35.61 -6.66 7.25
CA SER J 53 -34.72 -7.12 6.19
C SER J 53 -33.26 -6.86 6.53
N LYS J 54 -32.95 -5.65 7.00
CA LYS J 54 -31.57 -5.32 7.28
C LYS J 54 -31.02 -6.04 8.50
N ALA J 55 -31.89 -6.58 9.36
CA ALA J 55 -31.43 -7.48 10.40
C ALA J 55 -31.19 -8.88 9.86
N MET J 56 -32.00 -9.29 8.89
CA MET J 56 -31.80 -10.57 8.24
C MET J 56 -30.48 -10.61 7.49
N SER J 57 -30.10 -9.50 6.84
CA SER J 57 -28.81 -9.44 6.17
C SER J 57 -27.65 -9.48 7.16
N ILE J 58 -27.84 -8.90 8.35
CA ILE J 58 -26.79 -8.91 9.37
C ILE J 58 -26.59 -10.31 9.92
N MET J 59 -27.68 -11.02 10.20
CA MET J 59 -27.55 -12.40 10.65
C MET J 59 -26.99 -13.30 9.55
N ASN J 60 -27.33 -13.01 8.29
CA ASN J 60 -26.80 -13.75 7.17
C ASN J 60 -25.30 -13.57 7.04
N SER J 61 -24.80 -12.37 7.27
CA SER J 61 -23.37 -12.16 7.29
C SER J 61 -22.69 -12.77 8.50
N PHE J 62 -23.36 -12.78 9.65
CA PHE J 62 -22.73 -13.29 10.87
C PHE J 62 -22.52 -14.79 10.82
N VAL J 63 -23.53 -15.53 10.33
CA VAL J 63 -23.39 -16.98 10.23
C VAL J 63 -22.32 -17.33 9.21
N ASN J 64 -22.24 -16.54 8.13
CA ASN J 64 -21.22 -16.73 7.11
C ASN J 64 -19.82 -16.51 7.67
N ASP J 65 -19.64 -15.48 8.50
CA ASP J 65 -18.33 -15.18 9.04
C ASP J 65 -17.89 -16.21 10.07
N VAL J 66 -18.82 -16.69 10.91
CA VAL J 66 -18.46 -17.70 11.89
C VAL J 66 -18.10 -19.01 11.19
N PHE J 67 -18.83 -19.37 10.13
CA PHE J 67 -18.51 -20.57 9.39
C PHE J 67 -17.16 -20.45 8.67
N GLU J 68 -16.87 -19.27 8.12
CA GLU J 68 -15.58 -19.01 7.48
C GLU J 68 -14.42 -19.15 8.48
N ARG J 69 -14.57 -18.58 9.67
CA ARG J 69 -13.51 -18.66 10.67
C ARG J 69 -13.30 -20.08 11.16
N ILE J 70 -14.37 -20.82 11.40
CA ILE J 70 -14.22 -22.16 11.97
C ILE J 70 -13.63 -23.11 10.94
N ALA J 71 -14.07 -23.02 9.68
CA ALA J 71 -13.47 -23.89 8.67
C ALA J 71 -12.04 -23.48 8.36
N GLY J 72 -11.73 -22.18 8.41
CA GLY J 72 -10.36 -21.74 8.20
C GLY J 72 -9.41 -22.11 9.32
N GLU J 73 -9.93 -22.33 10.53
CA GLU J 73 -9.07 -22.84 11.58
C GLU J 73 -8.95 -24.36 11.52
N ALA J 74 -10.00 -25.05 11.10
CA ALA J 74 -9.90 -26.49 10.91
C ALA J 74 -8.96 -26.86 9.78
N SER J 75 -8.87 -26.01 8.75
CA SER J 75 -7.93 -26.25 7.66
C SER J 75 -6.49 -26.20 8.15
N ARG J 76 -6.13 -25.14 8.86
CA ARG J 76 -4.76 -25.02 9.37
C ARG J 76 -4.47 -26.02 10.48
N LEU J 77 -5.49 -26.52 11.17
CA LEU J 77 -5.26 -27.64 12.07
C LEU J 77 -5.10 -28.95 11.31
N ALA J 78 -5.59 -29.01 10.07
CA ALA J 78 -5.43 -30.24 9.31
C ALA J 78 -4.04 -30.38 8.70
N HIS J 79 -3.19 -29.35 8.80
CA HIS J 79 -1.85 -29.42 8.23
C HIS J 79 -0.75 -29.56 9.26
N TYR J 80 -1.04 -29.34 10.54
CA TYR J 80 -0.06 -29.52 11.59
C TYR J 80 -0.04 -30.94 12.13
N ASN J 81 -0.62 -31.89 11.39
CA ASN J 81 -0.59 -33.27 11.82
C ASN J 81 -0.39 -34.26 10.69
N LYS J 82 -0.08 -33.78 9.47
CA LYS J 82 0.20 -34.61 8.29
C LYS J 82 -0.97 -35.52 7.94
N ARG J 83 -2.19 -35.06 8.18
CA ARG J 83 -3.40 -35.72 7.72
C ARG J 83 -4.05 -34.90 6.63
N SER J 84 -5.13 -35.42 6.08
CA SER J 84 -5.77 -34.71 4.97
C SER J 84 -7.29 -34.74 5.00
N THR J 85 -7.92 -35.28 6.06
CA THR J 85 -9.37 -35.37 6.13
C THR J 85 -9.88 -34.62 7.34
N ILE J 86 -10.66 -33.57 7.12
CA ILE J 86 -11.33 -32.89 8.22
C ILE J 86 -12.46 -33.79 8.66
N THR J 87 -12.24 -34.52 9.74
CA THR J 87 -13.26 -35.39 10.29
C THR J 87 -14.02 -34.64 11.37
N SER J 88 -14.79 -35.38 12.17
CA SER J 88 -15.60 -34.74 13.19
C SER J 88 -14.85 -34.50 14.48
N ARG J 89 -13.52 -34.55 14.46
CA ARG J 89 -12.74 -34.19 15.64
C ARG J 89 -12.07 -32.84 15.47
N GLU J 90 -11.63 -32.51 14.26
CA GLU J 90 -10.94 -31.26 14.01
C GLU J 90 -11.88 -30.07 14.15
N ILE J 91 -13.15 -30.25 13.81
CA ILE J 91 -14.10 -29.17 14.00
C ILE J 91 -14.32 -28.90 15.48
N GLN J 92 -14.34 -29.95 16.31
CA GLN J 92 -14.49 -29.76 17.75
C GLN J 92 -13.27 -29.08 18.36
N THR J 93 -12.07 -29.50 17.95
CA THR J 93 -10.87 -28.87 18.48
C THR J 93 -10.73 -27.44 17.98
N ALA J 94 -11.28 -27.13 16.81
CA ALA J 94 -11.26 -25.73 16.36
C ALA J 94 -12.32 -24.89 17.07
N VAL J 95 -13.45 -25.47 17.42
CA VAL J 95 -14.48 -24.71 18.12
C VAL J 95 -14.07 -24.45 19.56
N ARG J 96 -13.31 -25.36 20.17
CA ARG J 96 -12.81 -25.07 21.51
C ARG J 96 -11.69 -24.01 21.54
N LEU J 97 -11.23 -23.52 20.39
CA LEU J 97 -10.24 -22.45 20.32
C LEU J 97 -10.80 -21.10 19.94
N LEU J 98 -11.70 -21.04 18.96
CA LEU J 98 -12.15 -19.75 18.45
C LEU J 98 -13.12 -19.06 19.40
N LEU J 99 -14.12 -19.78 19.89
CA LEU J 99 -15.08 -19.18 20.79
C LEU J 99 -14.47 -19.02 22.18
N PRO J 100 -14.91 -18.02 22.94
CA PRO J 100 -14.33 -17.80 24.27
C PRO J 100 -14.73 -18.84 25.31
N GLY J 101 -14.35 -18.57 26.56
CA GLY J 101 -14.29 -19.63 27.57
C GLY J 101 -15.63 -20.14 28.04
N GLU J 102 -16.71 -19.38 27.84
CA GLU J 102 -17.99 -19.83 28.36
C GLU J 102 -18.81 -20.58 27.32
N LEU J 103 -18.90 -20.06 26.10
CA LEU J 103 -19.76 -20.67 25.09
C LEU J 103 -19.22 -21.98 24.56
N ALA J 104 -17.93 -22.27 24.81
CA ALA J 104 -17.31 -23.45 24.24
C ALA J 104 -17.87 -24.72 24.83
N LYS J 105 -18.18 -24.70 26.14
CA LYS J 105 -18.74 -25.87 26.80
C LYS J 105 -20.12 -26.21 26.25
N HIS J 106 -20.97 -25.20 26.05
CA HIS J 106 -22.29 -25.45 25.51
C HIS J 106 -22.23 -25.84 24.03
N ALA J 107 -21.28 -25.27 23.28
CA ALA J 107 -21.13 -25.64 21.89
C ALA J 107 -20.70 -27.10 21.73
N VAL J 108 -19.73 -27.54 22.53
CA VAL J 108 -19.30 -28.94 22.39
C VAL J 108 -20.36 -29.89 22.97
N SER J 109 -21.06 -29.48 24.03
CA SER J 109 -22.08 -30.34 24.62
C SER J 109 -23.37 -30.37 23.80
N GLU J 110 -23.51 -29.48 22.84
CA GLU J 110 -24.57 -29.63 21.84
C GLU J 110 -24.10 -30.37 20.60
N GLY J 111 -22.85 -30.18 20.20
CA GLY J 111 -22.35 -30.83 19.00
C GLY J 111 -22.19 -32.32 19.15
N THR J 112 -21.70 -32.77 20.30
CA THR J 112 -21.57 -34.22 20.48
C THR J 112 -22.93 -34.90 20.60
N LYS J 113 -23.95 -34.18 21.09
CA LYS J 113 -25.30 -34.74 21.10
C LYS J 113 -25.87 -34.81 19.69
N ALA J 114 -25.55 -33.81 18.85
CA ALA J 114 -26.01 -33.84 17.47
C ALA J 114 -25.36 -34.98 16.68
N VAL J 115 -24.08 -35.24 16.90
CA VAL J 115 -23.46 -36.32 16.14
C VAL J 115 -23.87 -37.69 16.68
N THR J 116 -24.14 -37.79 17.99
CA THR J 116 -24.57 -39.10 18.49
C THR J 116 -26.05 -39.34 18.20
N CYS J 117 -26.78 -38.30 17.80
CA CYS J 117 -28.10 -38.52 17.24
C CYS J 117 -28.05 -38.86 15.76
N TYR J 118 -27.11 -38.26 15.01
CA TYR J 118 -26.98 -38.58 13.60
C TYR J 118 -26.44 -39.99 13.37
N THR J 119 -25.65 -40.50 14.32
CA THR J 119 -25.10 -41.85 14.17
C THR J 119 -26.18 -42.91 14.27
N SER J 120 -27.09 -42.77 15.25
CA SER J 120 -28.13 -43.76 15.46
C SER J 120 -29.33 -43.54 14.56
N ALA J 121 -29.11 -43.46 13.25
CA ALA J 121 -30.18 -43.27 12.28
C ALA J 121 -29.81 -43.85 10.93
N ALA K 12 -36.69 -46.27 -1.81
CA ALA K 12 -37.32 -45.80 -0.58
C ALA K 12 -37.80 -44.37 -0.72
N LYS K 13 -38.39 -43.82 0.33
CA LYS K 13 -38.89 -42.46 0.28
C LYS K 13 -37.78 -41.47 0.58
N ALA K 14 -37.79 -40.35 -0.13
CA ALA K 14 -36.75 -39.33 0.02
C ALA K 14 -36.92 -38.57 1.32
N LYS K 15 -35.87 -38.56 2.14
CA LYS K 15 -35.90 -37.93 3.46
C LYS K 15 -34.61 -37.17 3.65
N THR K 16 -34.72 -35.89 4.00
CA THR K 16 -33.54 -35.03 4.07
C THR K 16 -32.71 -35.36 5.31
N ARG K 17 -31.44 -34.94 5.26
CA ARG K 17 -30.50 -35.31 6.32
C ARG K 17 -30.68 -34.48 7.58
N SER K 18 -31.45 -33.40 7.51
CA SER K 18 -31.71 -32.62 8.72
C SER K 18 -32.57 -33.39 9.69
N SER K 19 -33.51 -34.19 9.19
CA SER K 19 -34.47 -34.86 10.05
C SER K 19 -33.84 -35.97 10.89
N ARG K 20 -32.80 -36.63 10.38
CA ARG K 20 -32.10 -37.59 11.22
C ARG K 20 -31.22 -36.90 12.25
N ALA K 21 -30.88 -35.64 12.01
CA ALA K 21 -30.03 -34.90 12.91
C ALA K 21 -30.78 -34.32 14.09
N GLY K 22 -32.07 -34.03 13.94
CA GLY K 22 -32.77 -33.31 14.98
C GLY K 22 -32.34 -31.86 15.03
N LEU K 23 -32.05 -31.27 13.89
CA LEU K 23 -31.52 -29.92 13.80
C LEU K 23 -32.50 -29.03 13.04
N GLN K 24 -32.07 -27.79 12.82
CA GLN K 24 -32.87 -26.85 12.07
C GLN K 24 -32.11 -26.20 10.93
N PHE K 25 -30.82 -25.95 11.09
CA PHE K 25 -30.00 -25.55 9.96
C PHE K 25 -29.82 -26.72 8.99
N PRO K 26 -29.66 -26.44 7.70
CA PRO K 26 -29.52 -27.53 6.75
C PRO K 26 -28.15 -28.16 6.87
N VAL K 27 -28.07 -29.42 6.47
CA VAL K 27 -26.83 -30.17 6.57
C VAL K 27 -26.08 -30.21 5.25
N GLY K 28 -26.81 -30.45 4.16
CA GLY K 28 -26.16 -30.65 2.87
C GLY K 28 -25.53 -29.40 2.29
N ARG K 29 -26.06 -28.23 2.66
CA ARG K 29 -25.45 -26.99 2.21
C ARG K 29 -24.08 -26.79 2.83
N VAL K 30 -23.92 -27.20 4.08
CA VAL K 30 -22.63 -27.11 4.74
C VAL K 30 -21.65 -28.12 4.11
N HIS K 31 -22.16 -29.27 3.66
CA HIS K 31 -21.31 -30.25 2.98
C HIS K 31 -20.83 -29.72 1.64
N ARG K 32 -21.74 -29.15 0.85
CA ARG K 32 -21.37 -28.61 -0.46
C ARG K 32 -20.51 -27.37 -0.33
N LEU K 33 -20.58 -26.66 0.79
CA LEU K 33 -19.67 -25.55 0.98
C LEU K 33 -18.29 -26.02 1.43
N LEU K 34 -18.23 -27.03 2.31
CA LEU K 34 -16.94 -27.52 2.79
C LEU K 34 -16.17 -28.28 1.75
N ARG K 35 -16.83 -28.87 0.74
CA ARG K 35 -16.02 -29.57 -0.26
C ARG K 35 -15.43 -28.58 -1.27
N LYS K 36 -16.24 -27.71 -1.83
CA LYS K 36 -15.81 -26.81 -2.89
C LYS K 36 -15.37 -25.45 -2.36
N GLY K 37 -14.81 -25.41 -1.16
CA GLY K 37 -14.21 -24.19 -0.66
C GLY K 37 -12.71 -24.35 -0.47
N ASN K 38 -12.21 -25.56 -0.73
CA ASN K 38 -10.82 -25.96 -0.61
C ASN K 38 -10.30 -25.73 0.81
N TYR K 39 -10.90 -26.45 1.76
CA TYR K 39 -10.42 -26.40 3.12
C TYR K 39 -9.63 -27.65 3.47
N ALA K 40 -9.85 -28.73 2.74
CA ALA K 40 -9.01 -29.92 2.80
C ALA K 40 -9.16 -30.63 1.47
N GLU K 41 -8.65 -31.85 1.40
CA GLU K 41 -8.84 -32.63 0.17
C GLU K 41 -10.12 -33.43 0.24
N ARG K 42 -10.25 -34.28 1.25
CA ARG K 42 -11.43 -35.12 1.39
C ARG K 42 -12.16 -34.72 2.67
N VAL K 43 -13.39 -34.24 2.53
CA VAL K 43 -14.18 -33.78 3.66
C VAL K 43 -14.89 -34.97 4.28
N GLY K 44 -14.76 -35.12 5.59
CA GLY K 44 -15.27 -36.28 6.27
C GLY K 44 -16.79 -36.30 6.35
N ALA K 45 -17.30 -37.44 6.85
CA ALA K 45 -18.74 -37.65 6.88
C ALA K 45 -19.40 -37.02 8.10
N GLY K 46 -18.89 -37.30 9.30
CA GLY K 46 -19.55 -36.84 10.49
C GLY K 46 -19.38 -35.37 10.83
N ALA K 47 -18.58 -34.64 10.07
CA ALA K 47 -18.23 -33.26 10.42
C ALA K 47 -19.27 -32.17 10.10
N PRO K 48 -19.92 -32.11 8.92
CA PRO K 48 -20.84 -30.99 8.70
C PRO K 48 -22.10 -31.02 9.55
N VAL K 49 -22.48 -32.18 10.10
CA VAL K 49 -23.57 -32.23 11.08
C VAL K 49 -23.18 -31.43 12.31
N TYR K 50 -21.97 -31.66 12.82
CA TYR K 50 -21.42 -30.92 13.95
C TYR K 50 -21.33 -29.43 13.65
N LEU K 51 -20.95 -29.10 12.42
CA LEU K 51 -20.80 -27.69 12.06
C LEU K 51 -22.15 -26.97 12.00
N ALA K 52 -23.17 -27.64 11.46
CA ALA K 52 -24.51 -27.08 11.48
C ALA K 52 -25.04 -26.94 12.90
N ALA K 53 -24.65 -27.87 13.78
CA ALA K 53 -25.08 -27.79 15.17
C ALA K 53 -24.50 -26.58 15.88
N VAL K 54 -23.19 -26.35 15.76
CA VAL K 54 -22.56 -25.20 16.41
C VAL K 54 -23.07 -23.90 15.80
N LEU K 55 -23.33 -23.88 14.50
CA LEU K 55 -23.88 -22.67 13.88
C LEU K 55 -25.28 -22.36 14.38
N GLU K 56 -26.11 -23.39 14.55
CA GLU K 56 -27.47 -23.16 15.02
C GLU K 56 -27.48 -22.72 16.47
N TYR K 57 -26.59 -23.28 17.31
CA TYR K 57 -26.54 -22.85 18.70
C TYR K 57 -26.06 -21.42 18.83
N LEU K 58 -25.11 -21.00 17.98
CA LEU K 58 -24.64 -19.62 18.03
C LEU K 58 -25.71 -18.65 17.58
N THR K 59 -26.44 -18.96 16.51
CA THR K 59 -27.44 -18.01 16.08
C THR K 59 -28.66 -17.98 17.00
N ALA K 60 -28.97 -19.08 17.69
CA ALA K 60 -30.02 -19.02 18.68
C ALA K 60 -29.60 -18.20 19.89
N GLU K 61 -28.32 -18.32 20.28
CA GLU K 61 -27.81 -17.56 21.42
C GLU K 61 -27.75 -16.07 21.12
N ILE K 62 -27.56 -15.68 19.86
CA ILE K 62 -27.66 -14.25 19.56
C ILE K 62 -29.12 -13.81 19.48
N LEU K 63 -29.98 -14.58 18.79
CA LEU K 63 -31.33 -14.11 18.53
C LEU K 63 -32.21 -14.08 19.77
N GLU K 64 -31.90 -14.91 20.78
CA GLU K 64 -32.65 -14.83 22.03
C GLU K 64 -32.44 -13.51 22.73
N LEU K 65 -31.17 -13.08 22.86
CA LEU K 65 -30.88 -11.79 23.48
C LEU K 65 -31.37 -10.63 22.61
N ALA K 66 -31.35 -10.82 21.28
CA ALA K 66 -31.85 -9.79 20.38
C ALA K 66 -33.33 -9.55 20.59
N GLY K 67 -34.12 -10.63 20.62
CA GLY K 67 -35.55 -10.46 20.87
C GLY K 67 -35.86 -10.04 22.29
N ASN K 68 -35.01 -10.43 23.24
CA ASN K 68 -35.23 -10.04 24.63
C ASN K 68 -35.02 -8.55 24.82
N ALA K 69 -34.05 -7.98 24.12
CA ALA K 69 -33.94 -6.53 24.14
C ALA K 69 -34.81 -5.86 23.09
N ALA K 70 -35.49 -6.64 22.25
CA ALA K 70 -36.45 -6.07 21.33
C ALA K 70 -37.84 -5.91 21.92
N ARG K 71 -38.24 -6.80 22.83
CA ARG K 71 -39.53 -6.65 23.48
C ARG K 71 -39.50 -5.60 24.58
N ASP K 72 -38.34 -5.36 25.18
CA ASP K 72 -38.23 -4.40 26.27
C ASP K 72 -38.29 -2.96 25.80
N ASN K 73 -38.26 -2.72 24.49
CA ASN K 73 -38.30 -1.38 23.93
C ASN K 73 -39.60 -1.09 23.19
N LYS K 74 -40.65 -1.88 23.47
CA LYS K 74 -42.02 -1.63 22.99
C LYS K 74 -42.14 -1.68 21.47
N LYS K 75 -41.43 -2.62 20.84
CA LYS K 75 -41.56 -2.87 19.42
C LYS K 75 -41.50 -4.38 19.19
N THR K 76 -41.93 -4.82 18.00
CA THR K 76 -41.91 -6.24 17.68
C THR K 76 -41.04 -6.62 16.50
N ARG K 77 -40.63 -5.66 15.67
CA ARG K 77 -39.65 -5.93 14.62
C ARG K 77 -38.26 -5.69 15.18
N ILE K 78 -37.38 -6.69 15.02
CA ILE K 78 -36.02 -6.54 15.52
C ILE K 78 -35.26 -5.61 14.58
N ILE K 79 -35.07 -4.39 15.02
CA ILE K 79 -34.33 -3.36 14.29
C ILE K 79 -32.86 -3.60 14.64
N PRO K 80 -31.90 -3.31 13.74
CA PRO K 80 -30.47 -3.59 14.02
C PRO K 80 -29.91 -2.97 15.29
N ARG K 81 -30.48 -1.86 15.77
CA ARG K 81 -30.07 -1.27 17.04
C ARG K 81 -30.32 -2.22 18.20
N HIS K 82 -31.36 -3.05 18.10
CA HIS K 82 -31.57 -4.08 19.11
C HIS K 82 -30.48 -5.14 19.07
N LEU K 83 -29.99 -5.49 17.88
CA LEU K 83 -28.88 -6.42 17.79
C LEU K 83 -27.61 -5.81 18.40
N GLN K 84 -27.39 -4.52 18.15
CA GLN K 84 -26.24 -3.83 18.73
C GLN K 84 -26.32 -3.78 20.25
N LEU K 85 -27.49 -3.45 20.80
CA LEU K 85 -27.66 -3.41 22.24
C LEU K 85 -27.79 -4.78 22.86
N ALA K 86 -27.89 -5.84 22.05
CA ALA K 86 -27.92 -7.18 22.58
C ALA K 86 -26.57 -7.88 22.54
N VAL K 87 -25.66 -7.49 21.64
CA VAL K 87 -24.34 -8.12 21.69
C VAL K 87 -23.46 -7.46 22.74
N ARG K 88 -23.39 -6.12 22.74
CA ARG K 88 -22.45 -5.43 23.62
C ARG K 88 -22.88 -5.41 25.08
N ASN K 89 -24.17 -5.52 25.38
CA ASN K 89 -24.60 -5.56 26.78
C ASN K 89 -24.24 -6.87 27.43
N ASP K 90 -24.15 -7.95 26.67
CA ASP K 90 -23.66 -9.21 27.18
C ASP K 90 -22.16 -9.11 27.39
N GLU K 91 -21.62 -10.03 28.19
CA GLU K 91 -20.20 -10.09 28.48
C GLU K 91 -19.51 -11.27 27.79
N GLU K 92 -20.16 -12.41 27.69
CA GLU K 92 -19.50 -13.59 27.14
C GLU K 92 -19.46 -13.59 25.61
N LEU K 93 -20.29 -12.80 24.94
CA LEU K 93 -20.20 -12.67 23.49
C LEU K 93 -19.41 -11.46 23.04
N ASN K 94 -18.85 -10.69 23.96
CA ASN K 94 -18.12 -9.50 23.52
C ASN K 94 -16.76 -9.86 22.94
N LYS K 95 -16.25 -11.05 23.22
CA LYS K 95 -14.94 -11.43 22.71
C LYS K 95 -15.01 -12.28 21.45
N LEU K 96 -16.18 -12.40 20.83
CA LEU K 96 -16.28 -13.05 19.52
C LEU K 96 -16.47 -12.03 18.41
N LEU K 97 -17.35 -11.05 18.64
CA LEU K 97 -17.53 -9.94 17.73
C LEU K 97 -16.73 -8.72 18.16
N GLY K 98 -15.58 -8.93 18.78
CA GLY K 98 -14.84 -7.89 19.46
C GLY K 98 -14.25 -6.81 18.57
N ARG K 99 -14.19 -7.05 17.26
CA ARG K 99 -13.74 -6.05 16.31
C ARG K 99 -14.68 -5.99 15.13
N VAL K 100 -15.98 -5.96 15.43
CA VAL K 100 -17.01 -5.90 14.41
C VAL K 100 -17.82 -4.62 14.64
N THR K 101 -18.06 -3.89 13.55
CA THR K 101 -18.88 -2.68 13.61
C THR K 101 -20.18 -2.96 12.87
N ILE K 102 -21.22 -3.31 13.62
CA ILE K 102 -22.51 -3.65 13.03
C ILE K 102 -23.15 -2.39 12.47
N ALA K 103 -23.61 -2.47 11.22
CA ALA K 103 -24.14 -1.31 10.51
C ALA K 103 -25.48 -0.87 11.11
N GLN K 104 -25.76 0.43 10.98
CA GLN K 104 -26.88 1.12 11.63
C GLN K 104 -26.88 0.88 13.14
N GLY K 105 -25.69 0.83 13.72
CA GLY K 105 -25.53 0.24 15.03
C GLY K 105 -25.70 1.15 16.23
N GLY K 106 -24.92 2.21 16.30
CA GLY K 106 -24.89 3.05 17.47
C GLY K 106 -24.05 2.43 18.57
N VAL K 107 -23.91 3.19 19.66
CA VAL K 107 -23.04 2.83 20.77
C VAL K 107 -23.93 2.58 21.98
N LEU K 108 -23.39 1.85 22.96
CA LEU K 108 -24.05 1.69 24.25
C LEU K 108 -24.25 3.04 24.92
N PRO K 109 -25.29 3.19 25.75
CA PRO K 109 -25.43 4.44 26.52
C PRO K 109 -24.39 4.51 27.62
N ASN K 110 -23.45 5.45 27.49
CA ASN K 110 -22.32 5.51 28.40
C ASN K 110 -21.88 6.95 28.58
N ILE K 111 -21.93 7.44 29.82
CA ILE K 111 -21.33 8.70 30.22
C ILE K 111 -20.36 8.41 31.35
N GLN K 112 -19.20 9.07 31.33
CA GLN K 112 -18.17 8.78 32.32
C GLN K 112 -18.57 9.34 33.69
N SER K 113 -17.87 8.86 34.72
CA SER K 113 -18.29 9.14 36.10
C SER K 113 -17.85 10.52 36.57
N VAL K 114 -16.94 11.18 35.86
CA VAL K 114 -16.46 12.48 36.29
C VAL K 114 -17.30 13.61 35.71
N LEU K 115 -17.94 13.39 34.55
CA LEU K 115 -18.54 14.48 33.81
C LEU K 115 -19.88 14.92 34.38
N LEU K 116 -20.50 14.13 35.25
CA LEU K 116 -21.79 14.47 35.83
C LEU K 116 -21.65 15.67 36.77
N PRO K 117 -22.59 16.62 36.71
CA PRO K 117 -22.44 17.83 37.52
C PRO K 117 -22.86 17.63 38.97
N VAL L 21 2.91 -31.87 43.04
CA VAL L 21 1.98 -30.76 43.19
C VAL L 21 2.71 -29.50 43.66
N LEU L 22 2.48 -28.39 42.96
CA LEU L 22 3.09 -27.11 43.30
C LEU L 22 2.00 -26.08 43.52
N ARG L 23 2.28 -25.11 44.39
CA ARG L 23 1.36 -24.02 44.67
C ARG L 23 2.13 -22.80 45.14
N ASP L 24 1.55 -21.62 44.85
CA ASP L 24 2.06 -20.30 45.23
C ASP L 24 3.49 -20.11 44.69
N ASN L 25 3.59 -20.17 43.36
CA ASN L 25 4.88 -20.00 42.70
C ASN L 25 4.94 -18.73 41.89
N ILE L 26 3.92 -17.87 41.99
CA ILE L 26 3.96 -16.59 41.31
C ILE L 26 4.99 -15.66 41.95
N GLN L 27 5.41 -15.94 43.18
CA GLN L 27 6.47 -15.16 43.84
C GLN L 27 7.85 -15.48 43.31
N GLY L 28 7.99 -16.34 42.30
CA GLY L 28 9.28 -16.52 41.66
C GLY L 28 9.67 -15.33 40.82
N ILE L 29 8.70 -14.65 40.22
CA ILE L 29 8.99 -13.43 39.45
C ILE L 29 9.20 -12.33 40.48
N THR L 30 10.45 -12.15 40.88
CA THR L 30 10.76 -11.37 42.06
C THR L 30 10.69 -9.87 41.79
N LYS L 31 11.09 -9.10 42.81
CA LYS L 31 11.01 -7.65 42.70
C LYS L 31 12.07 -7.05 41.78
N PRO L 32 13.39 -7.30 41.93
CA PRO L 32 14.33 -6.61 41.03
C PRO L 32 14.31 -7.12 39.61
N ALA L 33 13.79 -8.32 39.35
CA ALA L 33 13.65 -8.77 37.97
C ALA L 33 12.57 -7.98 37.25
N ILE L 34 11.44 -7.73 37.91
CA ILE L 34 10.41 -6.88 37.32
C ILE L 34 10.92 -5.46 37.19
N ARG L 35 11.80 -5.03 38.12
CA ARG L 35 12.44 -3.72 37.95
C ARG L 35 13.33 -3.70 36.72
N ARG L 36 14.07 -4.79 36.46
CA ARG L 36 14.91 -4.88 35.26
C ARG L 36 14.08 -4.83 33.99
N LEU L 37 12.97 -5.56 34.00
CA LEU L 37 12.06 -5.56 32.86
C LEU L 37 11.51 -4.18 32.58
N ALA L 38 11.19 -3.43 33.63
CA ALA L 38 10.78 -2.05 33.41
C ALA L 38 11.95 -1.19 32.96
N ARG L 39 13.17 -1.52 33.40
CA ARG L 39 14.34 -0.75 32.99
C ARG L 39 14.62 -0.90 31.50
N ARG L 40 14.27 -2.03 30.92
CA ARG L 40 14.57 -2.20 29.49
C ARG L 40 13.67 -1.31 28.63
N GLY L 41 12.47 -1.03 29.11
CA GLY L 41 11.54 -0.25 28.30
C GLY L 41 11.82 1.23 28.28
N GLY L 42 12.52 1.75 29.26
CA GLY L 42 12.75 3.18 29.31
C GLY L 42 11.89 3.92 30.31
N VAL L 43 11.84 3.42 31.53
CA VAL L 43 11.23 4.14 32.65
C VAL L 43 12.34 4.54 33.61
N LYS L 44 12.01 5.40 34.56
CA LYS L 44 12.98 5.91 35.51
C LYS L 44 12.70 5.44 36.92
N ARG L 45 11.51 5.69 37.45
CA ARG L 45 11.17 5.35 38.83
C ARG L 45 9.94 4.46 38.86
N ILE L 46 10.06 3.32 39.49
CA ILE L 46 8.94 2.39 39.66
C ILE L 46 8.28 2.66 40.99
N SER L 47 6.98 2.93 40.97
CA SER L 47 6.28 3.18 42.21
C SER L 47 5.98 1.86 42.93
N GLY L 48 5.52 1.96 44.17
CA GLY L 48 5.46 0.80 45.04
C GLY L 48 4.24 -0.08 44.89
N LEU L 49 3.49 0.05 43.80
CA LEU L 49 2.31 -0.78 43.60
C LEU L 49 2.32 -1.53 42.29
N ILE L 50 3.36 -1.38 41.47
CA ILE L 50 3.43 -2.09 40.20
C ILE L 50 3.67 -3.58 40.42
N TYR L 51 4.33 -3.94 41.53
CA TYR L 51 4.75 -5.31 41.79
C TYR L 51 3.60 -6.28 42.08
N GLU L 52 2.36 -5.82 42.08
CA GLU L 52 1.20 -6.70 42.07
C GLU L 52 0.50 -6.76 40.72
N GLU L 53 0.34 -5.60 40.07
CA GLU L 53 -0.37 -5.56 38.80
C GLU L 53 0.42 -6.22 37.68
N THR L 54 1.76 -6.16 37.75
CA THR L 54 2.55 -6.84 36.73
C THR L 54 2.45 -8.36 36.88
N ARG L 55 2.42 -8.86 38.12
CA ARG L 55 2.21 -10.28 38.34
C ARG L 55 0.82 -10.71 37.87
N GLY L 56 -0.18 -9.84 38.05
CA GLY L 56 -1.51 -10.15 37.53
C GLY L 56 -1.56 -10.22 36.02
N VAL L 57 -0.92 -9.26 35.34
CA VAL L 57 -0.88 -9.23 33.88
C VAL L 57 -0.14 -10.45 33.34
N LEU L 58 0.96 -10.84 34.00
CA LEU L 58 1.71 -12.00 33.57
C LEU L 58 0.93 -13.29 33.75
N LYS L 59 0.16 -13.40 34.84
CA LYS L 59 -0.64 -14.60 35.05
C LYS L 59 -1.75 -14.71 34.02
N VAL L 60 -2.39 -13.58 33.70
CA VAL L 60 -3.45 -13.59 32.68
C VAL L 60 -2.89 -13.97 31.31
N PHE L 61 -1.73 -13.41 30.95
CA PHE L 61 -1.16 -13.69 29.63
C PHE L 61 -0.68 -15.14 29.51
N LEU L 62 -0.04 -15.67 30.56
CA LEU L 62 0.42 -17.05 30.48
C LEU L 62 -0.73 -18.04 30.50
N GLU L 63 -1.81 -17.73 31.22
CA GLU L 63 -2.99 -18.60 31.15
C GLU L 63 -3.62 -18.55 29.77
N ASN L 64 -3.71 -17.36 29.17
CA ASN L 64 -4.33 -17.22 27.87
C ASN L 64 -3.48 -17.72 26.71
N VAL L 65 -2.20 -18.01 26.94
CA VAL L 65 -1.38 -18.67 25.93
C VAL L 65 -1.34 -20.18 26.12
N ILE L 66 -1.18 -20.64 27.36
CA ILE L 66 -1.11 -22.09 27.56
C ILE L 66 -2.48 -22.75 27.37
N ARG L 67 -3.58 -22.01 27.53
CA ARG L 67 -4.89 -22.60 27.18
C ARG L 67 -5.06 -22.76 25.67
N ASP L 68 -4.24 -22.11 24.85
CA ASP L 68 -4.20 -22.44 23.45
C ASP L 68 -3.09 -23.41 23.09
N ALA L 69 -2.12 -23.59 23.98
CA ALA L 69 -1.05 -24.56 23.68
C ALA L 69 -1.47 -25.98 24.01
N VAL L 70 -2.12 -26.19 25.15
CA VAL L 70 -2.41 -27.55 25.58
C VAL L 70 -3.51 -28.18 24.73
N THR L 71 -4.42 -27.36 24.18
CA THR L 71 -5.42 -27.90 23.26
C THR L 71 -4.78 -28.40 21.97
N TYR L 72 -3.85 -27.61 21.41
CA TYR L 72 -3.13 -28.00 20.21
C TYR L 72 -2.31 -29.26 20.43
N THR L 73 -1.68 -29.41 21.59
CA THR L 73 -0.92 -30.64 21.80
C THR L 73 -1.77 -31.77 22.35
N GLU L 74 -3.02 -31.51 22.69
CA GLU L 74 -3.95 -32.59 23.01
C GLU L 74 -4.62 -33.14 21.77
N HIS L 75 -4.71 -32.35 20.71
CA HIS L 75 -5.35 -32.81 19.49
C HIS L 75 -4.58 -33.91 18.80
N ALA L 76 -3.25 -33.94 18.96
CA ALA L 76 -2.44 -34.99 18.37
C ALA L 76 -2.32 -36.21 19.25
N LYS L 77 -3.02 -36.22 20.39
CA LYS L 77 -3.04 -37.32 21.37
C LYS L 77 -1.65 -37.65 21.92
N ARG L 78 -0.76 -36.66 21.97
CA ARG L 78 0.50 -36.80 22.68
C ARG L 78 0.45 -35.98 23.95
N LYS L 79 1.44 -36.17 24.81
CA LYS L 79 1.43 -35.52 26.11
C LYS L 79 2.64 -34.62 26.35
N THR L 80 3.22 -34.04 25.31
CA THR L 80 4.34 -33.14 25.45
C THR L 80 4.02 -31.85 24.71
N VAL L 81 4.17 -30.73 25.39
CA VAL L 81 3.99 -29.44 24.73
C VAL L 81 5.27 -29.12 23.98
N THR L 82 5.32 -29.40 22.69
CA THR L 82 6.53 -29.06 21.97
C THR L 82 6.47 -27.63 21.46
N ALA L 83 7.61 -27.15 20.95
CA ALA L 83 7.78 -25.73 20.67
C ALA L 83 6.92 -25.27 19.50
N MET L 84 6.68 -26.15 18.53
CA MET L 84 5.84 -25.79 17.39
C MET L 84 4.42 -25.47 17.82
N ASP L 85 3.93 -26.16 18.85
CA ASP L 85 2.58 -25.88 19.35
C ASP L 85 2.52 -24.50 20.00
N VAL L 86 3.57 -24.08 20.67
CA VAL L 86 3.59 -22.75 21.25
C VAL L 86 3.67 -21.70 20.15
N VAL L 87 4.42 -21.99 19.08
CA VAL L 87 4.49 -21.05 17.95
C VAL L 87 3.13 -20.91 17.27
N TYR L 88 2.39 -22.01 17.14
CA TYR L 88 1.07 -21.90 16.52
C TYR L 88 0.09 -21.19 17.45
N ALA L 89 0.17 -21.45 18.75
CA ALA L 89 -0.74 -20.81 19.69
C ALA L 89 -0.46 -19.32 19.80
N LEU L 90 0.77 -18.89 19.56
CA LEU L 90 0.99 -17.46 19.47
C LEU L 90 0.63 -16.89 18.11
N LYS L 91 0.70 -17.71 17.05
CA LYS L 91 0.31 -17.18 15.74
C LYS L 91 -1.19 -16.96 15.66
N ARG L 92 -1.96 -17.71 16.45
CA ARG L 92 -3.40 -17.50 16.44
C ARG L 92 -3.79 -16.19 17.12
N GLN L 93 -3.11 -15.81 18.20
CA GLN L 93 -3.54 -14.63 18.96
C GLN L 93 -3.22 -13.32 18.27
N GLY L 94 -2.06 -13.22 17.63
CA GLY L 94 -1.70 -11.99 16.97
C GLY L 94 -0.24 -11.61 17.05
N ARG L 95 0.46 -12.10 18.06
CA ARG L 95 1.91 -11.89 18.16
C ARG L 95 2.60 -13.17 17.72
N THR L 96 3.01 -13.20 16.47
CA THR L 96 3.72 -14.37 15.95
C THR L 96 5.19 -14.30 16.32
N LEU L 97 5.79 -15.47 16.49
CA LEU L 97 7.12 -15.61 17.09
C LEU L 97 8.02 -16.36 16.14
N TYR L 98 9.12 -15.73 15.73
CA TYR L 98 10.08 -16.34 14.82
C TYR L 98 11.09 -17.16 15.61
N GLY L 99 12.16 -17.56 14.93
CA GLY L 99 13.26 -18.22 15.61
C GLY L 99 13.04 -19.67 15.94
N PHE L 100 11.94 -20.26 15.48
CA PHE L 100 11.68 -21.67 15.74
C PHE L 100 11.03 -22.30 14.52
N SAM M . 2.08 13.20 -23.73
CA SAM M . 0.80 13.55 -23.15
C SAM M . 0.98 14.24 -21.80
O SAM M . 2.03 14.13 -21.17
OXT SAM M . 0.08 14.92 -21.31
CB SAM M . -0.07 12.31 -22.98
CG SAM M . 0.51 11.24 -22.07
SD SAM M . -0.74 10.00 -21.64
CE SAM M . -0.43 9.81 -19.87
C5' SAM M . 0.03 8.49 -22.25
C4' SAM M . -0.20 8.34 -23.75
O4' SAM M . 0.53 7.23 -24.22
C3' SAM M . -1.64 8.07 -24.06
O3' SAM M . -2.13 9.12 -24.86
C2' SAM M . -1.66 6.81 -24.89
O2' SAM M . -2.38 7.05 -26.06
C1' SAM M . -0.20 6.57 -25.22
N9 SAM M . 0.12 5.14 -25.18
C8 SAM M . -0.20 4.30 -24.18
N7 SAM M . 0.25 3.07 -24.48
C5 SAM M . 0.85 3.12 -25.67
C6 SAM M . 1.46 2.16 -26.44
N6 SAM M . 1.53 0.91 -26.00
N1 SAM M . 2.00 2.51 -27.65
C2 SAM M . 1.92 3.81 -28.09
N3 SAM M . 1.30 4.76 -27.32
C4 SAM M . 0.78 4.42 -26.13
#